data_5C3P
#
_entry.id   5C3P
#
_cell.length_a   57.185
_cell.length_b   154.726
_cell.length_c   75.434
_cell.angle_alpha   90.000
_cell.angle_beta   90.600
_cell.angle_gamma   90.000
#
_symmetry.space_group_name_H-M   'P 1 21 1'
#
loop_
_entity.id
_entity.type
_entity.pdbx_description
1 polymer 'Thymine dioxygenase'
2 non-polymer 'NICKEL (II) ION'
3 non-polymer '2-OXOGLUTARIC ACID'
4 non-polymer 1,2-ETHANEDIOL
5 water water
#
_entity_poly.entity_id   1
_entity_poly.type   'polypeptide(L)'
_entity_poly.pdbx_seq_one_letter_code
;GSMEKAAVNEDGLVIPLIDFSKFLEGDETLKLETAKAILHGFQTAGFIYLKNIPIQPDFREHVFNTSAKFFKLPKEKKLE
VGWTTPEANRGYSAPGREKVTQLTDPAEIEKIRSAAPDIKESYEIGREDEPGHPNPWPAEQDDLVGFKSTMNNFFDQCKA
LHIEVMRAIAVGMGIDANYFDSFVDVGDNILRLLHYPAVKSEVFKINPGQVRAGEHTDYGSITLLFQDSRGGLQVKSPNG
QFIDATPIENTVVVNAGDLLARWSNDTIKSTVHRVVEPPKQEDVHPPRYSIAYFCNPNHKSYIEAIPGTYAAESERKYEG
INSGKYLVQRLAATYLEHHHHHH
;
_entity_poly.pdbx_strand_id   A,B,C,D
#
# COMPACT_ATOMS: atom_id res chain seq x y z
N MET A 3 -10.60 -16.61 -26.07
CA MET A 3 -10.35 -17.05 -24.65
C MET A 3 -11.56 -16.81 -23.76
N GLU A 4 -11.75 -17.72 -22.79
CA GLU A 4 -12.82 -17.62 -21.81
C GLU A 4 -12.48 -16.52 -20.82
N LYS A 5 -13.50 -16.08 -20.09
CA LYS A 5 -13.28 -15.23 -18.93
C LYS A 5 -12.38 -15.99 -17.96
N ALA A 6 -11.48 -15.29 -17.28
CA ALA A 6 -10.61 -15.92 -16.28
C ALA A 6 -11.44 -16.63 -15.22
N ALA A 7 -10.97 -17.77 -14.73
CA ALA A 7 -11.60 -18.43 -13.58
C ALA A 7 -11.49 -17.56 -12.33
N VAL A 8 -10.35 -16.88 -12.18
CA VAL A 8 -10.08 -16.02 -11.02
C VAL A 8 -9.31 -14.80 -11.47
N ASN A 9 -9.71 -13.64 -10.97
CA ASN A 9 -9.05 -12.39 -11.29
C ASN A 9 -9.20 -11.43 -10.10
N GLU A 10 -8.22 -11.44 -9.21
CA GLU A 10 -8.31 -10.64 -7.97
C GLU A 10 -6.93 -10.45 -7.36
N ASP A 11 -6.69 -9.23 -6.87
CA ASP A 11 -5.45 -8.90 -6.16
C ASP A 11 -4.19 -9.25 -6.96
N GLY A 12 -4.29 -9.16 -8.29
CA GLY A 12 -3.19 -9.49 -9.20
C GLY A 12 -3.05 -10.96 -9.56
N LEU A 13 -3.88 -11.81 -8.96
CA LEU A 13 -3.88 -13.23 -9.27
C LEU A 13 -4.89 -13.45 -10.38
N VAL A 14 -4.39 -13.94 -11.53
CA VAL A 14 -5.24 -14.22 -12.69
C VAL A 14 -5.09 -15.69 -13.06
N ILE A 15 -6.14 -16.46 -12.82
CA ILE A 15 -6.12 -17.89 -13.15
C ILE A 15 -7.04 -18.08 -14.35
N PRO A 16 -6.48 -18.44 -15.50
CA PRO A 16 -7.30 -18.52 -16.71
C PRO A 16 -8.14 -19.79 -16.76
N LEU A 17 -9.20 -19.74 -17.55
CA LEU A 17 -10.03 -20.88 -17.86
C LEU A 17 -9.75 -21.22 -19.31
N ILE A 18 -9.20 -22.39 -19.57
CA ILE A 18 -8.71 -22.74 -20.89
C ILE A 18 -9.39 -24.01 -21.39
N ASP A 19 -9.78 -23.97 -22.66
CA ASP A 19 -10.42 -25.10 -23.31
C ASP A 19 -9.35 -26.05 -23.86
N PHE A 20 -9.14 -27.17 -23.16
CA PHE A 20 -8.04 -28.07 -23.49
C PHE A 20 -8.26 -28.79 -24.82
N SER A 21 -9.50 -28.96 -25.25
CA SER A 21 -9.78 -29.62 -26.53
C SER A 21 -9.17 -28.84 -27.70
N LYS A 22 -9.03 -27.53 -27.53
CA LYS A 22 -8.38 -26.69 -28.52
C LYS A 22 -6.87 -26.93 -28.63
N PHE A 23 -6.26 -27.48 -27.59
CA PHE A 23 -4.88 -27.96 -27.70
C PHE A 23 -4.84 -29.34 -28.36
N LEU A 24 -5.70 -30.23 -27.93
CA LEU A 24 -5.66 -31.61 -28.42
C LEU A 24 -6.16 -31.75 -29.86
N GLU A 25 -7.09 -30.90 -30.27
CA GLU A 25 -7.76 -31.05 -31.58
C GLU A 25 -7.45 -29.94 -32.56
N GLY A 26 -6.89 -28.84 -32.09
CA GLY A 26 -6.64 -27.69 -32.97
C GLY A 26 -5.64 -27.95 -34.08
N ASP A 27 -5.74 -27.18 -35.16
CA ASP A 27 -4.63 -27.07 -36.11
C ASP A 27 -3.43 -26.48 -35.38
N GLU A 28 -2.29 -26.42 -36.06
CA GLU A 28 -1.03 -25.94 -35.46
C GLU A 28 -1.20 -24.61 -34.71
N THR A 29 -1.93 -23.70 -35.32
CA THR A 29 -2.07 -22.33 -34.82
C THR A 29 -2.96 -22.24 -33.59
N LEU A 30 -4.13 -22.89 -33.62
CA LEU A 30 -5.01 -22.89 -32.46
C LEU A 30 -4.36 -23.63 -31.28
N LYS A 31 -3.66 -24.71 -31.62
CA LYS A 31 -2.91 -25.50 -30.66
C LYS A 31 -1.82 -24.68 -29.99
N LEU A 32 -1.08 -23.90 -30.78
CA LEU A 32 -0.02 -23.05 -30.26
C LEU A 32 -0.57 -21.96 -29.34
N GLU A 33 -1.66 -21.33 -29.77
CA GLU A 33 -2.33 -20.28 -28.99
C GLU A 33 -2.78 -20.82 -27.63
N THR A 34 -3.38 -22.00 -27.65
CA THR A 34 -3.86 -22.63 -26.42
C THR A 34 -2.68 -22.97 -25.51
N ALA A 35 -1.60 -23.48 -26.10
CA ALA A 35 -0.41 -23.86 -25.33
C ALA A 35 0.26 -22.65 -24.69
N LYS A 36 0.28 -21.52 -25.40
CA LYS A 36 0.82 -20.28 -24.86
C LYS A 36 -0.02 -19.77 -23.67
N ALA A 37 -1.34 -19.89 -23.77
CA ALA A 37 -2.25 -19.50 -22.69
C ALA A 37 -2.05 -20.36 -21.46
N ILE A 38 -1.89 -21.66 -21.69
CA ILE A 38 -1.59 -22.61 -20.61
C ILE A 38 -0.27 -22.24 -19.93
N LEU A 39 0.77 -22.05 -20.73
CA LEU A 39 2.08 -21.70 -20.20
C LEU A 39 2.02 -20.38 -19.46
N HIS A 40 1.35 -19.39 -20.05
CA HIS A 40 1.26 -18.07 -19.43
C HIS A 40 0.64 -18.17 -18.02
N GLY A 41 -0.40 -18.99 -17.92
CA GLY A 41 -1.00 -19.30 -16.62
C GLY A 41 -0.01 -19.85 -15.62
N PHE A 42 0.77 -20.85 -16.02
CA PHE A 42 1.80 -21.42 -15.16
C PHE A 42 2.91 -20.42 -14.78
N GLN A 43 3.20 -19.48 -15.69
CA GLN A 43 4.30 -18.52 -15.48
C GLN A 43 3.91 -17.34 -14.59
N THR A 44 2.62 -17.16 -14.37
CA THR A 44 2.10 -16.04 -13.61
C THR A 44 1.41 -16.52 -12.32
N ALA A 45 0.26 -17.17 -12.43
CA ALA A 45 -0.45 -17.65 -11.24
C ALA A 45 0.11 -18.97 -10.70
N GLY A 46 0.75 -19.75 -11.57
CA GLY A 46 1.13 -21.12 -11.26
C GLY A 46 -0.05 -22.10 -11.26
N PHE A 47 -1.25 -21.60 -11.57
CA PHE A 47 -2.52 -22.36 -11.61
C PHE A 47 -3.28 -22.01 -12.89
N ILE A 48 -3.98 -23.00 -13.43
CA ILE A 48 -4.95 -22.80 -14.52
C ILE A 48 -6.16 -23.70 -14.24
N TYR A 49 -7.29 -23.38 -14.84
CA TYR A 49 -8.40 -24.32 -14.91
C TYR A 49 -8.46 -24.81 -16.34
N LEU A 50 -8.67 -26.11 -16.51
CA LEU A 50 -8.88 -26.67 -17.84
C LEU A 50 -10.30 -27.21 -17.94
N LYS A 51 -10.99 -26.85 -19.02
CA LYS A 51 -12.29 -27.43 -19.34
C LYS A 51 -12.16 -28.27 -20.61
N ASN A 52 -13.18 -29.08 -20.88
CA ASN A 52 -13.22 -29.98 -22.04
C ASN A 52 -11.99 -30.88 -22.16
N ILE A 53 -11.60 -31.51 -21.05
CA ILE A 53 -10.51 -32.48 -21.05
C ILE A 53 -11.08 -33.83 -21.47
N PRO A 54 -10.24 -34.77 -21.92
CA PRO A 54 -10.77 -36.04 -22.44
C PRO A 54 -11.25 -37.06 -21.37
N ILE A 55 -11.38 -36.61 -20.12
CA ILE A 55 -11.96 -37.42 -19.06
C ILE A 55 -13.45 -37.09 -18.93
N GLN A 56 -14.31 -38.10 -19.10
CA GLN A 56 -15.76 -37.88 -19.15
C GLN A 56 -16.36 -37.50 -17.79
N PRO A 57 -17.32 -36.55 -17.80
CA PRO A 57 -18.01 -36.11 -16.58
C PRO A 57 -18.69 -37.24 -15.82
N ASP A 58 -19.37 -38.15 -16.52
CA ASP A 58 -20.03 -39.28 -15.83
C ASP A 58 -19.02 -40.20 -15.17
N PHE A 59 -17.89 -40.45 -15.83
CA PHE A 59 -16.85 -41.29 -15.22
C PHE A 59 -16.27 -40.59 -13.99
N ARG A 60 -16.03 -39.30 -14.09
CA ARG A 60 -15.53 -38.52 -12.94
C ARG A 60 -16.50 -38.57 -11.76
N GLU A 61 -17.79 -38.36 -12.04
CA GLU A 61 -18.84 -38.49 -11.01
C GLU A 61 -18.77 -39.86 -10.34
N HIS A 62 -18.59 -40.90 -11.16
CA HIS A 62 -18.50 -42.27 -10.67
C HIS A 62 -17.27 -42.51 -9.79
N VAL A 63 -16.14 -41.93 -10.17
CA VAL A 63 -14.93 -42.01 -9.37
C VAL A 63 -15.17 -41.33 -8.01
N PHE A 64 -15.80 -40.15 -8.03
CA PHE A 64 -16.17 -39.48 -6.77
C PHE A 64 -17.12 -40.31 -5.92
N ASN A 65 -18.13 -40.93 -6.54
CA ASN A 65 -19.06 -41.77 -5.76
C ASN A 65 -18.33 -42.96 -5.14
N THR A 66 -17.42 -43.53 -5.92
CA THR A 66 -16.58 -44.64 -5.47
C THR A 66 -15.69 -44.21 -4.30
N SER A 67 -15.13 -43.02 -4.39
CA SER A 67 -14.32 -42.49 -3.29
C SER A 67 -15.14 -42.38 -2.00
N ALA A 68 -16.34 -41.81 -2.11
CA ALA A 68 -17.19 -41.60 -0.93
C ALA A 68 -17.62 -42.91 -0.28
N LYS A 69 -17.85 -43.93 -1.10
CA LYS A 69 -18.16 -45.27 -0.59
C LYS A 69 -17.02 -45.84 0.24
N PHE A 70 -15.78 -45.61 -0.20
CA PHE A 70 -14.63 -46.01 0.59
C PHE A 70 -14.58 -45.28 1.93
N PHE A 71 -14.68 -43.95 1.91
CA PHE A 71 -14.58 -43.18 3.16
C PHE A 71 -15.75 -43.40 4.13
N LYS A 72 -16.87 -43.91 3.62
CA LYS A 72 -18.00 -44.33 4.47
C LYS A 72 -17.72 -45.63 5.25
N LEU A 73 -16.62 -46.31 4.94
CA LEU A 73 -16.22 -47.51 5.68
C LEU A 73 -15.88 -47.17 7.12
N PRO A 74 -16.12 -48.12 8.06
CA PRO A 74 -15.72 -47.89 9.44
C PRO A 74 -14.21 -47.65 9.56
N LYS A 75 -13.84 -46.81 10.52
CA LYS A 75 -12.44 -46.44 10.73
C LYS A 75 -11.53 -47.66 10.76
N GLU A 76 -11.95 -48.71 11.48
CA GLU A 76 -11.14 -49.93 11.60
C GLU A 76 -10.88 -50.62 10.26
N LYS A 77 -11.84 -50.53 9.34
CA LYS A 77 -11.66 -51.10 8.00
C LYS A 77 -10.73 -50.24 7.15
N LYS A 78 -10.82 -48.93 7.31
CA LYS A 78 -9.95 -48.03 6.56
C LYS A 78 -8.49 -48.17 7.01
N LEU A 79 -8.30 -48.34 8.32
CA LEU A 79 -6.96 -48.58 8.87
C LEU A 79 -6.36 -49.91 8.39
N GLU A 80 -7.20 -50.84 7.99
CA GLU A 80 -6.71 -52.12 7.44
C GLU A 80 -5.93 -51.91 6.15
N VAL A 81 -6.23 -50.81 5.45
CA VAL A 81 -5.47 -50.42 4.26
C VAL A 81 -4.63 -49.15 4.52
N GLY A 82 -4.22 -48.96 5.77
CA GLY A 82 -3.29 -47.89 6.12
C GLY A 82 -1.91 -48.15 5.53
N TRP A 83 -1.00 -47.19 5.70
CA TRP A 83 0.37 -47.28 5.20
C TRP A 83 1.07 -48.46 5.86
N THR A 84 1.76 -49.25 5.06
CA THR A 84 2.43 -50.46 5.57
C THR A 84 3.71 -50.08 6.36
N THR A 85 4.38 -49.03 5.92
CA THR A 85 5.52 -48.42 6.62
C THR A 85 5.39 -46.90 6.54
N PRO A 86 6.22 -46.15 7.28
CA PRO A 86 6.14 -44.68 7.18
C PRO A 86 6.53 -44.10 5.81
N GLU A 87 7.29 -44.83 5.02
CA GLU A 87 7.74 -44.34 3.70
C GLU A 87 7.00 -44.98 2.53
N ALA A 88 5.93 -45.72 2.83
CA ALA A 88 5.18 -46.43 1.80
C ALA A 88 4.52 -45.45 0.85
N ASN A 89 3.93 -44.40 1.41
CA ASN A 89 3.19 -43.37 0.65
C ASN A 89 2.05 -43.98 -0.16
N ARG A 90 1.43 -45.01 0.42
CA ARG A 90 0.43 -45.82 -0.24
C ARG A 90 -0.64 -46.28 0.75
N GLY A 91 -1.90 -46.04 0.42
CA GLY A 91 -3.00 -46.46 1.27
C GLY A 91 -3.62 -45.33 2.07
N TYR A 92 -4.32 -45.69 3.14
CA TYR A 92 -5.16 -44.76 3.89
C TYR A 92 -4.37 -44.02 4.96
N SER A 93 -4.63 -42.72 5.10
CA SER A 93 -4.03 -41.88 6.14
C SER A 93 -5.05 -40.87 6.68
N ALA A 94 -4.95 -40.57 7.97
CA ALA A 94 -5.71 -39.46 8.57
C ALA A 94 -4.80 -38.71 9.53
N PRO A 95 -4.58 -37.39 9.31
CA PRO A 95 -3.74 -36.65 10.26
C PRO A 95 -4.25 -36.76 11.70
N GLY A 96 -3.33 -37.03 12.61
CA GLY A 96 -3.66 -37.14 14.03
C GLY A 96 -2.80 -36.20 14.85
N ARG A 97 -3.43 -35.51 15.79
CA ARG A 97 -2.69 -34.68 16.76
C ARG A 97 -2.03 -35.58 17.80
N GLU A 98 -0.97 -35.06 18.41
CA GLU A 98 -0.24 -35.80 19.43
C GLU A 98 -1.09 -36.02 20.68
N LYS A 99 -0.98 -37.20 21.27
CA LYS A 99 -1.71 -37.52 22.49
C LYS A 99 -1.01 -36.90 23.70
N VAL A 100 -1.79 -36.23 24.55
CA VAL A 100 -1.27 -35.69 25.80
C VAL A 100 -1.19 -36.84 26.80
N THR A 101 -0.08 -36.92 27.52
CA THR A 101 0.07 -37.89 28.62
C THR A 101 0.75 -37.19 29.79
N GLN A 102 0.89 -37.90 30.91
CA GLN A 102 1.54 -37.34 32.11
C GLN A 102 3.00 -36.92 31.87
N LEU A 103 3.60 -37.37 30.75
CA LEU A 103 4.97 -37.01 30.38
C LEU A 103 5.06 -35.81 29.44
N THR A 104 3.93 -35.37 28.89
CA THR A 104 3.89 -34.19 28.04
C THR A 104 4.19 -32.92 28.85
N ASP A 105 5.34 -32.30 28.60
CA ASP A 105 5.76 -31.10 29.34
C ASP A 105 5.14 -29.83 28.75
N PRO A 106 5.23 -28.69 29.46
CA PRO A 106 4.58 -27.44 29.01
C PRO A 106 5.00 -26.97 27.62
N ALA A 107 6.26 -27.22 27.25
CA ALA A 107 6.74 -26.88 25.91
C ALA A 107 5.95 -27.61 24.81
N GLU A 108 5.64 -28.87 25.05
CA GLU A 108 4.91 -29.69 24.06
C GLU A 108 3.45 -29.26 23.94
N ILE A 109 2.90 -28.67 25.01
CA ILE A 109 1.53 -28.16 25.01
C ILE A 109 1.44 -26.88 24.16
N GLU A 110 1.44 -27.05 22.85
CA GLU A 110 1.14 -25.96 21.90
C GLU A 110 0.09 -26.45 20.87
N LYS A 111 -0.64 -27.49 21.26
CA LYS A 111 -1.52 -28.22 20.36
C LYS A 111 -2.89 -27.55 20.26
N ALA A 116 -3.69 -27.35 15.31
CA ALA A 116 -4.74 -28.31 14.96
C ALA A 116 -4.46 -28.95 13.60
N PRO A 117 -4.64 -30.28 13.49
CA PRO A 117 -4.36 -30.93 12.21
C PRO A 117 -5.47 -30.71 11.17
N ASP A 118 -5.12 -30.92 9.91
CA ASP A 118 -6.09 -30.84 8.81
C ASP A 118 -7.31 -31.71 9.14
N ILE A 119 -8.50 -31.18 8.89
CA ILE A 119 -9.73 -31.93 9.12
C ILE A 119 -10.04 -32.71 7.83
N LYS A 120 -9.31 -33.80 7.65
CA LYS A 120 -9.35 -34.53 6.40
C LYS A 120 -8.83 -35.94 6.57
N GLU A 121 -9.18 -36.80 5.63
CA GLU A 121 -8.55 -38.10 5.53
C GLU A 121 -8.24 -38.34 4.05
N SER A 122 -7.37 -39.30 3.77
CA SER A 122 -6.95 -39.53 2.41
C SER A 122 -6.61 -40.98 2.13
N TYR A 123 -6.52 -41.29 0.84
CA TYR A 123 -6.17 -42.61 0.38
C TYR A 123 -5.35 -42.45 -0.87
N GLU A 124 -4.12 -42.95 -0.82
CA GLU A 124 -3.15 -42.74 -1.89
C GLU A 124 -2.86 -44.01 -2.66
N ILE A 125 -2.82 -43.86 -3.97
CA ILE A 125 -2.66 -44.95 -4.90
C ILE A 125 -1.52 -44.57 -5.83
N GLY A 126 -0.55 -45.47 -5.98
CA GLY A 126 0.52 -45.32 -6.97
C GLY A 126 0.36 -46.29 -8.12
N ARG A 127 1.36 -46.34 -9.01
CA ARG A 127 1.28 -47.25 -10.14
C ARG A 127 1.40 -48.70 -9.68
N GLU A 128 0.71 -49.60 -10.37
CA GLU A 128 0.58 -51.01 -9.98
C GLU A 128 1.80 -51.90 -10.27
N ASP A 129 2.81 -51.36 -10.95
CA ASP A 129 3.96 -52.15 -11.41
C ASP A 129 5.27 -51.74 -10.76
N GLU A 130 5.23 -51.43 -9.47
CA GLU A 130 6.41 -50.96 -8.74
C GLU A 130 6.78 -51.91 -7.61
N PRO A 131 7.76 -52.81 -7.86
CA PRO A 131 8.32 -53.66 -6.81
C PRO A 131 8.71 -52.88 -5.55
N GLY A 132 8.33 -53.41 -4.40
CA GLY A 132 8.60 -52.76 -3.11
C GLY A 132 7.58 -51.73 -2.67
N HIS A 133 6.60 -51.43 -3.52
CA HIS A 133 5.59 -50.41 -3.22
C HIS A 133 4.21 -50.80 -3.76
N PRO A 134 3.64 -51.89 -3.25
CA PRO A 134 2.29 -52.24 -3.70
C PRO A 134 1.21 -51.37 -3.03
N ASN A 135 0.08 -51.22 -3.71
CA ASN A 135 -1.08 -50.53 -3.16
C ASN A 135 -1.90 -51.45 -2.24
N PRO A 136 -2.27 -50.98 -1.04
CA PRO A 136 -3.14 -51.77 -0.18
C PRO A 136 -4.62 -51.55 -0.51
N TRP A 137 -5.16 -52.40 -1.39
CA TRP A 137 -6.54 -52.30 -1.83
C TRP A 137 -7.52 -52.80 -0.79
N PRO A 138 -8.68 -52.14 -0.66
CA PRO A 138 -9.67 -52.67 0.27
C PRO A 138 -10.34 -53.91 -0.30
N ALA A 139 -10.91 -54.72 0.58
CA ALA A 139 -11.69 -55.89 0.19
C ALA A 139 -12.82 -55.50 -0.76
N GLU A 140 -12.88 -56.16 -1.90
CA GLU A 140 -13.92 -55.91 -2.91
C GLU A 140 -15.21 -56.61 -2.48
N GLN A 141 -15.95 -55.98 -1.59
CA GLN A 141 -17.23 -56.51 -1.20
C GLN A 141 -18.29 -55.42 -0.87
N ASP A 142 -19.52 -55.75 -1.16
CA ASP A 142 -20.64 -54.82 -1.08
C ASP A 142 -20.30 -53.60 -1.93
N ASP A 143 -20.40 -52.39 -1.39
CA ASP A 143 -20.23 -51.16 -2.18
C ASP A 143 -18.83 -50.89 -2.73
N LEU A 144 -17.84 -51.72 -2.39
CA LEU A 144 -16.47 -51.52 -2.85
C LEU A 144 -16.10 -52.44 -4.02
N VAL A 145 -17.08 -53.21 -4.51
CA VAL A 145 -16.88 -53.99 -5.73
C VAL A 145 -16.63 -53.03 -6.90
N GLY A 146 -15.49 -53.19 -7.56
CA GLY A 146 -15.11 -52.32 -8.67
C GLY A 146 -14.23 -51.13 -8.29
N PHE A 147 -13.90 -51.01 -7.01
CA PHE A 147 -13.10 -49.90 -6.50
C PHE A 147 -11.73 -49.89 -7.17
N LYS A 148 -11.10 -51.06 -7.22
CA LYS A 148 -9.76 -51.17 -7.79
C LYS A 148 -9.74 -50.85 -9.28
N SER A 149 -10.68 -51.41 -10.04
CA SER A 149 -10.67 -51.21 -11.50
C SER A 149 -11.05 -49.77 -11.81
N THR A 150 -11.97 -49.19 -11.03
CA THR A 150 -12.32 -47.79 -11.20
C THR A 150 -11.10 -46.90 -10.96
N MET A 151 -10.43 -47.09 -9.82
CA MET A 151 -9.30 -46.22 -9.47
C MET A 151 -8.10 -46.42 -10.39
N ASN A 152 -7.85 -47.65 -10.82
CA ASN A 152 -6.73 -47.91 -11.74
C ASN A 152 -7.00 -47.28 -13.11
N ASN A 153 -8.24 -47.37 -13.56
CA ASN A 153 -8.72 -46.65 -14.73
C ASN A 153 -8.47 -45.14 -14.62
N PHE A 154 -8.93 -44.53 -13.53
CA PHE A 154 -8.76 -43.09 -13.37
C PHE A 154 -7.27 -42.71 -13.34
N PHE A 155 -6.46 -43.53 -12.67
CA PHE A 155 -5.01 -43.34 -12.63
C PHE A 155 -4.42 -43.21 -14.03
N ASP A 156 -4.78 -44.16 -14.89
CA ASP A 156 -4.29 -44.20 -16.28
C ASP A 156 -4.76 -43.04 -17.14
N GLN A 157 -6.00 -42.59 -16.94
CA GLN A 157 -6.51 -41.43 -17.67
C GLN A 157 -5.81 -40.13 -17.23
N CYS A 158 -5.55 -40.01 -15.93
CA CYS A 158 -4.80 -38.89 -15.40
C CYS A 158 -3.34 -38.96 -15.87
N LYS A 159 -2.80 -40.17 -15.91
CA LYS A 159 -1.47 -40.41 -16.46
C LYS A 159 -1.36 -39.82 -17.88
N ALA A 160 -2.33 -40.14 -18.73
CA ALA A 160 -2.36 -39.61 -20.11
C ALA A 160 -2.50 -38.09 -20.12
N LEU A 161 -3.36 -37.56 -19.26
CA LEU A 161 -3.57 -36.10 -19.18
C LEU A 161 -2.29 -35.36 -18.77
N HIS A 162 -1.55 -35.93 -17.83
CA HIS A 162 -0.25 -35.36 -17.42
C HIS A 162 0.66 -35.21 -18.61
N ILE A 163 0.80 -36.28 -19.38
CA ILE A 163 1.65 -36.27 -20.58
C ILE A 163 1.26 -35.13 -21.52
N GLU A 164 -0.05 -34.94 -21.70
CA GLU A 164 -0.57 -33.92 -22.62
C GLU A 164 -0.40 -32.50 -22.09
N VAL A 165 -0.56 -32.30 -20.79
CA VAL A 165 -0.26 -31.00 -20.19
C VAL A 165 1.19 -30.65 -20.41
N MET A 166 2.09 -31.62 -20.25
CA MET A 166 3.52 -31.36 -20.43
C MET A 166 3.86 -31.04 -21.89
N ARG A 167 3.16 -31.67 -22.83
CA ARG A 167 3.29 -31.33 -24.23
C ARG A 167 2.83 -29.90 -24.50
N ALA A 168 1.72 -29.49 -23.91
CA ALA A 168 1.28 -28.10 -24.04
C ALA A 168 2.36 -27.15 -23.51
N ILE A 169 2.96 -27.48 -22.38
CA ILE A 169 4.04 -26.64 -21.83
C ILE A 169 5.21 -26.55 -22.83
N ALA A 170 5.62 -27.70 -23.35
CA ALA A 170 6.69 -27.76 -24.34
C ALA A 170 6.38 -26.92 -25.59
N VAL A 171 5.19 -27.11 -26.15
CA VAL A 171 4.74 -26.33 -27.31
C VAL A 171 4.74 -24.83 -26.96
N GLY A 172 4.23 -24.49 -25.78
CA GLY A 172 4.19 -23.10 -25.34
C GLY A 172 5.58 -22.48 -25.21
N MET A 173 6.55 -23.28 -24.77
CA MET A 173 7.93 -22.84 -24.63
C MET A 173 8.65 -22.75 -25.98
N GLY A 174 8.10 -23.39 -27.00
CA GLY A 174 8.71 -23.37 -28.33
C GLY A 174 9.84 -24.38 -28.45
N ILE A 175 9.77 -25.45 -27.67
CA ILE A 175 10.70 -26.57 -27.79
C ILE A 175 9.93 -27.77 -28.34
N ASP A 176 10.66 -28.85 -28.61
CA ASP A 176 10.05 -30.10 -29.13
C ASP A 176 8.84 -30.54 -28.33
N ALA A 177 7.69 -30.70 -29.00
CA ALA A 177 6.42 -31.06 -28.36
C ALA A 177 6.57 -32.20 -27.36
N ASN A 178 7.43 -33.16 -27.69
CA ASN A 178 7.61 -34.36 -26.89
C ASN A 178 8.79 -34.32 -25.92
N TYR A 179 9.31 -33.11 -25.66
CA TYR A 179 10.50 -32.98 -24.83
C TYR A 179 10.37 -33.74 -23.49
N PHE A 180 9.21 -33.66 -22.86
CA PHE A 180 9.04 -34.24 -21.52
C PHE A 180 8.73 -35.73 -21.49
N ASP A 181 8.36 -36.32 -22.63
CA ASP A 181 7.89 -37.71 -22.67
C ASP A 181 8.85 -38.67 -21.95
N SER A 182 10.14 -38.58 -22.26
CA SER A 182 11.14 -39.48 -21.68
C SER A 182 11.45 -39.16 -20.20
N PHE A 183 11.06 -37.99 -19.73
CA PHE A 183 11.18 -37.63 -18.30
C PHE A 183 10.03 -38.12 -17.44
N VAL A 184 8.89 -38.44 -18.05
CA VAL A 184 7.66 -38.73 -17.29
C VAL A 184 6.99 -40.07 -17.64
N ASP A 185 7.56 -40.83 -18.57
CA ASP A 185 6.86 -42.00 -19.13
C ASP A 185 6.68 -43.18 -18.17
N VAL A 186 7.46 -43.23 -17.10
CA VAL A 186 7.33 -44.28 -16.09
C VAL A 186 5.99 -44.14 -15.32
N GLY A 187 5.54 -42.90 -15.15
CA GLY A 187 4.29 -42.64 -14.42
C GLY A 187 4.44 -42.80 -12.93
N ASP A 188 5.50 -42.22 -12.39
CA ASP A 188 5.75 -42.21 -10.94
C ASP A 188 4.86 -41.17 -10.28
N ASN A 189 3.56 -41.40 -10.37
CA ASN A 189 2.54 -40.43 -9.95
C ASN A 189 1.75 -41.02 -8.78
N ILE A 190 1.06 -40.13 -8.04
CA ILE A 190 0.24 -40.53 -6.90
C ILE A 190 -1.16 -39.99 -7.09
N LEU A 191 -2.14 -40.89 -7.06
CA LEU A 191 -3.54 -40.53 -7.04
C LEU A 191 -3.97 -40.44 -5.59
N ARG A 192 -4.35 -39.24 -5.14
CA ARG A 192 -4.80 -39.04 -3.76
C ARG A 192 -6.28 -38.70 -3.68
N LEU A 193 -7.07 -39.62 -3.14
CA LEU A 193 -8.46 -39.34 -2.81
C LEU A 193 -8.53 -38.59 -1.48
N LEU A 194 -9.30 -37.51 -1.43
CA LEU A 194 -9.43 -36.71 -0.22
C LEU A 194 -10.87 -36.60 0.22
N HIS A 195 -11.06 -36.64 1.52
CA HIS A 195 -12.37 -36.48 2.11
C HIS A 195 -12.23 -35.55 3.28
N TYR A 196 -12.94 -34.43 3.22
CA TYR A 196 -13.00 -33.52 4.35
C TYR A 196 -14.39 -33.68 4.99
N PRO A 197 -14.45 -34.30 6.19
CA PRO A 197 -15.76 -34.56 6.82
C PRO A 197 -16.61 -33.32 7.09
N ALA A 198 -17.91 -33.53 7.25
CA ALA A 198 -18.83 -32.50 7.66
C ALA A 198 -18.31 -31.85 8.94
N VAL A 199 -18.53 -30.56 9.07
CA VAL A 199 -17.99 -29.82 10.20
C VAL A 199 -18.83 -28.58 10.47
N LYS A 200 -19.10 -28.34 11.75
CA LYS A 200 -19.83 -27.17 12.18
C LYS A 200 -19.00 -25.92 11.90
N SER A 201 -19.66 -24.88 11.43
CA SER A 201 -19.00 -23.61 11.19
C SER A 201 -18.44 -23.03 12.49
N GLU A 202 -19.14 -23.26 13.61
CA GLU A 202 -18.64 -22.85 14.94
C GLU A 202 -17.24 -23.36 15.29
N VAL A 203 -16.87 -24.53 14.75
CA VAL A 203 -15.52 -25.06 14.91
C VAL A 203 -14.50 -24.00 14.49
N PHE A 204 -14.77 -23.33 13.37
CA PHE A 204 -13.88 -22.28 12.86
C PHE A 204 -13.99 -20.95 13.60
N LYS A 205 -15.15 -20.68 14.22
CA LYS A 205 -15.32 -19.50 15.07
C LYS A 205 -14.50 -19.61 16.37
N ILE A 206 -14.57 -20.79 16.99
CA ILE A 206 -13.83 -21.06 18.22
C ILE A 206 -12.33 -21.14 17.92
N ASN A 207 -11.97 -22.01 16.99
CA ASN A 207 -10.56 -22.27 16.68
C ASN A 207 -10.10 -21.33 15.57
N PRO A 208 -8.94 -20.69 15.79
CA PRO A 208 -8.52 -19.46 15.13
C PRO A 208 -8.20 -19.71 13.66
N GLY A 209 -7.11 -20.43 13.45
CA GLY A 209 -6.59 -20.79 12.14
C GLY A 209 -6.81 -22.26 11.90
N GLN A 210 -7.98 -22.76 12.28
CA GLN A 210 -8.40 -24.09 11.90
C GLN A 210 -8.71 -24.06 10.41
N VAL A 211 -8.17 -25.02 9.68
CA VAL A 211 -8.45 -25.13 8.25
C VAL A 211 -8.69 -26.57 7.86
N ARG A 212 -9.12 -26.77 6.62
CA ARG A 212 -9.34 -28.12 6.11
C ARG A 212 -8.05 -28.74 5.55
N ALA A 213 -7.24 -27.93 4.88
CA ALA A 213 -5.90 -28.33 4.47
C ALA A 213 -4.96 -27.14 4.64
N GLY A 214 -3.87 -27.37 5.38
CA GLY A 214 -2.91 -26.33 5.73
C GLY A 214 -2.21 -25.82 4.49
N GLU A 215 -1.81 -24.56 4.54
CA GLU A 215 -1.15 -23.93 3.41
C GLU A 215 0.16 -24.65 3.05
N HIS A 216 0.48 -24.69 1.77
CA HIS A 216 1.64 -25.42 1.29
C HIS A 216 1.81 -25.17 -0.19
N THR A 217 2.97 -25.58 -0.69
CA THR A 217 3.16 -25.79 -2.11
C THR A 217 3.31 -27.28 -2.34
N ASP A 218 2.88 -27.75 -3.51
CA ASP A 218 3.08 -29.14 -3.89
C ASP A 218 4.55 -29.35 -4.27
N TYR A 219 5.04 -30.56 -4.06
CA TYR A 219 6.47 -30.88 -4.24
C TYR A 219 6.84 -31.21 -5.69
N GLY A 220 5.91 -31.79 -6.43
CA GLY A 220 6.22 -32.42 -7.72
C GLY A 220 6.23 -31.50 -8.91
N SER A 221 5.95 -32.05 -10.10
CA SER A 221 5.91 -31.23 -11.29
C SER A 221 4.54 -30.57 -11.48
N ILE A 222 3.52 -31.39 -11.66
CA ILE A 222 2.18 -30.91 -11.96
C ILE A 222 1.20 -31.65 -11.03
N THR A 223 0.19 -30.94 -10.55
CA THR A 223 -0.93 -31.57 -9.84
C THR A 223 -2.23 -31.31 -10.59
N LEU A 224 -2.98 -32.38 -10.82
CA LEU A 224 -4.31 -32.29 -11.42
C LEU A 224 -5.31 -32.40 -10.29
N LEU A 225 -6.09 -31.34 -10.08
CA LEU A 225 -6.99 -31.26 -8.94
C LEU A 225 -8.45 -31.24 -9.37
N PHE A 226 -9.16 -32.30 -9.00
CA PHE A 226 -10.59 -32.42 -9.26
C PHE A 226 -11.33 -32.09 -7.97
N GLN A 227 -12.14 -31.04 -7.98
CA GLN A 227 -12.89 -30.71 -6.77
C GLN A 227 -14.40 -30.76 -7.00
N ASP A 228 -15.14 -31.06 -5.94
CA ASP A 228 -16.61 -30.97 -5.98
C ASP A 228 -17.03 -29.50 -5.85
N SER A 229 -18.31 -29.26 -5.61
CA SER A 229 -18.86 -27.92 -5.64
C SER A 229 -18.82 -27.20 -4.29
N ARG A 230 -18.23 -27.81 -3.26
CA ARG A 230 -18.30 -27.25 -1.92
C ARG A 230 -17.51 -25.94 -1.81
N GLY A 231 -16.34 -25.90 -2.44
CA GLY A 231 -15.50 -24.70 -2.35
C GLY A 231 -14.58 -24.80 -1.15
N GLY A 232 -13.72 -23.81 -0.96
CA GLY A 232 -12.79 -23.79 0.14
C GLY A 232 -11.34 -23.71 -0.33
N LEU A 233 -11.07 -24.18 -1.53
CA LEU A 233 -9.72 -24.01 -2.08
C LEU A 233 -9.37 -22.54 -2.25
N GLN A 234 -8.19 -22.16 -1.77
CA GLN A 234 -7.68 -20.81 -1.94
C GLN A 234 -6.25 -20.83 -2.46
N VAL A 235 -5.94 -19.82 -3.28
CA VAL A 235 -4.62 -19.65 -3.87
C VAL A 235 -4.07 -18.29 -3.44
N LYS A 236 -2.82 -18.27 -3.01
CA LYS A 236 -2.20 -17.03 -2.55
C LYS A 236 -1.84 -16.15 -3.76
N SER A 237 -2.29 -14.90 -3.70
CA SER A 237 -2.06 -13.92 -4.73
C SER A 237 -0.61 -13.44 -4.70
N PRO A 238 -0.14 -12.84 -5.80
CA PRO A 238 1.20 -12.28 -5.76
C PRO A 238 1.34 -11.15 -4.75
N ASN A 239 0.22 -10.70 -4.19
CA ASN A 239 0.25 -9.64 -3.18
C ASN A 239 0.04 -10.15 -1.75
N GLY A 240 0.15 -11.48 -1.58
CA GLY A 240 0.18 -12.09 -0.25
C GLY A 240 -1.17 -12.39 0.39
N GLN A 241 -2.23 -12.43 -0.41
CA GLN A 241 -3.59 -12.67 0.09
C GLN A 241 -4.20 -13.92 -0.54
N PHE A 242 -4.92 -14.69 0.26
CA PHE A 242 -5.59 -15.86 -0.24
C PHE A 242 -6.86 -15.52 -1.00
N ILE A 243 -6.99 -16.12 -2.17
CA ILE A 243 -8.11 -15.84 -3.09
C ILE A 243 -8.86 -17.15 -3.38
N ASP A 244 -10.18 -17.09 -3.34
CA ASP A 244 -11.02 -18.27 -3.57
C ASP A 244 -10.85 -18.81 -4.98
N ALA A 245 -10.47 -20.07 -5.11
CA ALA A 245 -10.49 -20.76 -6.40
C ALA A 245 -11.85 -21.42 -6.50
N THR A 246 -12.84 -20.66 -6.97
CA THR A 246 -14.22 -21.12 -7.02
C THR A 246 -14.41 -22.36 -7.91
N PRO A 247 -15.17 -23.35 -7.42
CA PRO A 247 -15.44 -24.52 -8.26
C PRO A 247 -16.17 -24.14 -9.53
N ILE A 248 -15.72 -24.68 -10.67
CA ILE A 248 -16.41 -24.54 -11.94
C ILE A 248 -16.72 -25.95 -12.46
N GLU A 249 -17.98 -26.20 -12.75
CA GLU A 249 -18.44 -27.54 -13.10
C GLU A 249 -17.61 -28.11 -14.26
N ASN A 250 -17.21 -29.36 -14.16
CA ASN A 250 -16.51 -30.05 -15.24
C ASN A 250 -15.16 -29.44 -15.64
N THR A 251 -14.45 -28.89 -14.66
CA THR A 251 -13.08 -28.43 -14.89
C THR A 251 -12.11 -29.22 -14.04
N VAL A 252 -10.84 -29.17 -14.44
CA VAL A 252 -9.75 -29.63 -13.59
C VAL A 252 -8.86 -28.42 -13.30
N VAL A 253 -8.48 -28.28 -12.04
CA VAL A 253 -7.55 -27.23 -11.65
C VAL A 253 -6.16 -27.84 -11.76
N VAL A 254 -5.25 -27.18 -12.45
CA VAL A 254 -3.91 -27.70 -12.63
C VAL A 254 -2.92 -26.68 -12.05
N ASN A 255 -2.01 -27.15 -11.22
CA ASN A 255 -0.96 -26.29 -10.68
C ASN A 255 0.40 -26.92 -10.77
N ALA A 256 1.41 -26.07 -10.88
CA ALA A 256 2.80 -26.48 -10.89
C ALA A 256 3.30 -26.72 -9.48
N GLY A 257 4.19 -27.68 -9.33
CA GLY A 257 4.84 -27.95 -8.06
C GLY A 257 6.26 -27.41 -8.01
N ASP A 258 6.89 -27.60 -6.87
CA ASP A 258 8.22 -27.05 -6.59
C ASP A 258 9.27 -27.59 -7.54
N LEU A 259 9.15 -28.87 -7.90
CA LEU A 259 10.09 -29.49 -8.80
C LEU A 259 10.05 -28.86 -10.19
N LEU A 260 8.86 -28.55 -10.67
CA LEU A 260 8.72 -27.87 -11.96
C LEU A 260 9.18 -26.41 -11.88
N ALA A 261 8.89 -25.72 -10.78
CA ALA A 261 9.41 -24.37 -10.60
C ALA A 261 10.92 -24.38 -10.86
N ARG A 262 11.59 -25.32 -10.21
CA ARG A 262 13.03 -25.47 -10.28
C ARG A 262 13.50 -25.89 -11.68
N TRP A 263 12.82 -26.89 -12.22
CA TRP A 263 13.09 -27.45 -13.53
C TRP A 263 12.99 -26.35 -14.59
N SER A 264 12.04 -25.45 -14.38
CA SER A 264 11.81 -24.33 -15.29
C SER A 264 12.71 -23.13 -15.05
N ASN A 265 13.67 -23.25 -14.13
CA ASN A 265 14.56 -22.15 -13.76
C ASN A 265 13.73 -20.94 -13.29
N ASP A 266 12.69 -21.24 -12.54
CA ASP A 266 11.75 -20.25 -12.01
C ASP A 266 10.98 -19.43 -13.03
N THR A 267 10.87 -19.91 -14.25
CA THR A 267 9.97 -19.26 -15.19
C THR A 267 8.52 -19.65 -14.86
N ILE A 268 8.34 -20.83 -14.28
CA ILE A 268 7.04 -21.32 -13.83
C ILE A 268 6.95 -21.22 -12.31
N LYS A 269 5.77 -20.84 -11.81
CA LYS A 269 5.51 -20.64 -10.39
C LYS A 269 4.87 -21.86 -9.72
N SER A 270 5.36 -22.17 -8.51
CA SER A 270 4.71 -23.12 -7.61
C SER A 270 4.09 -22.29 -6.51
N THR A 271 2.78 -22.28 -6.46
CA THR A 271 2.05 -21.29 -5.69
C THR A 271 1.46 -21.88 -4.41
N VAL A 272 1.53 -21.10 -3.35
CA VAL A 272 0.96 -21.51 -2.07
C VAL A 272 -0.56 -21.58 -2.19
N HIS A 273 -1.13 -22.66 -1.68
CA HIS A 273 -2.57 -22.80 -1.62
C HIS A 273 -2.96 -23.59 -0.38
N ARG A 274 -4.25 -23.51 -0.07
CA ARG A 274 -4.83 -24.15 1.12
C ARG A 274 -6.31 -24.39 0.90
N VAL A 275 -6.92 -25.13 1.82
CA VAL A 275 -8.36 -25.32 1.84
C VAL A 275 -8.90 -24.87 3.18
N VAL A 276 -9.76 -23.86 3.13
CA VAL A 276 -10.40 -23.38 4.33
C VAL A 276 -11.89 -23.74 4.33
N GLU A 277 -12.59 -23.22 5.32
CA GLU A 277 -14.03 -23.28 5.40
C GLU A 277 -14.64 -22.85 4.06
N PRO A 278 -15.69 -23.54 3.58
CA PRO A 278 -16.29 -23.06 2.33
C PRO A 278 -16.84 -21.62 2.48
N PRO A 279 -16.78 -20.81 1.41
CA PRO A 279 -17.30 -19.43 1.53
C PRO A 279 -18.83 -19.39 1.51
N LYS A 280 -19.46 -20.28 2.28
CA LYS A 280 -20.89 -20.38 2.38
C LYS A 280 -21.22 -20.37 3.85
N GLN A 281 -22.15 -19.50 4.24
CA GLN A 281 -22.61 -19.41 5.62
C GLN A 281 -23.69 -20.47 5.84
N GLU A 282 -23.39 -21.39 6.75
CA GLU A 282 -24.28 -22.49 7.07
C GLU A 282 -23.93 -23.05 8.45
N ASP A 283 -24.91 -23.63 9.12
CA ASP A 283 -24.70 -24.26 10.43
C ASP A 283 -23.62 -25.35 10.29
N VAL A 284 -23.88 -26.30 9.39
CA VAL A 284 -22.96 -27.40 9.17
C VAL A 284 -22.46 -27.37 7.73
N HIS A 285 -21.15 -27.45 7.56
CA HIS A 285 -20.55 -27.57 6.26
C HIS A 285 -20.53 -29.05 5.91
N PRO A 286 -21.19 -29.43 4.81
CA PRO A 286 -21.26 -30.82 4.44
C PRO A 286 -19.91 -31.38 4.00
N PRO A 287 -19.83 -32.70 3.81
CA PRO A 287 -18.54 -33.27 3.43
C PRO A 287 -18.06 -32.73 2.09
N ARG A 288 -16.77 -32.50 1.97
CA ARG A 288 -16.16 -32.05 0.72
C ARG A 288 -15.25 -33.15 0.21
N TYR A 289 -15.39 -33.47 -1.07
CA TYR A 289 -14.52 -34.43 -1.73
C TYR A 289 -13.69 -33.73 -2.79
N SER A 290 -12.42 -34.12 -2.85
CA SER A 290 -11.55 -33.73 -3.95
C SER A 290 -10.62 -34.89 -4.24
N ILE A 291 -9.96 -34.81 -5.39
CA ILE A 291 -9.03 -35.81 -5.85
C ILE A 291 -7.85 -35.08 -6.48
N ALA A 292 -6.66 -35.29 -5.92
CA ALA A 292 -5.42 -34.72 -6.41
C ALA A 292 -4.56 -35.81 -7.04
N TYR A 293 -4.10 -35.58 -8.27
CA TYR A 293 -3.22 -36.53 -8.93
C TYR A 293 -1.88 -35.85 -9.09
N PHE A 294 -0.93 -36.27 -8.26
CA PHE A 294 0.38 -35.65 -8.19
C PHE A 294 1.26 -36.30 -9.22
N CYS A 295 1.68 -35.49 -10.20
CA CYS A 295 2.52 -35.93 -11.28
C CYS A 295 3.98 -35.58 -10.96
N ASN A 296 4.86 -36.52 -11.25
CA ASN A 296 6.29 -36.35 -11.01
C ASN A 296 7.09 -36.88 -12.20
N PRO A 297 8.32 -36.34 -12.39
CA PRO A 297 9.24 -36.99 -13.33
C PRO A 297 9.62 -38.36 -12.83
N ASN A 298 10.02 -39.24 -13.76
CA ASN A 298 10.56 -40.55 -13.39
C ASN A 298 11.60 -40.43 -12.25
N HIS A 299 11.57 -41.35 -11.30
CA HIS A 299 12.52 -41.36 -10.19
C HIS A 299 13.98 -41.18 -10.64
N LYS A 300 14.34 -41.88 -11.70
CA LYS A 300 15.71 -41.86 -12.23
C LYS A 300 16.08 -40.60 -13.00
N SER A 301 15.12 -39.73 -13.28
CA SER A 301 15.39 -38.52 -14.07
C SER A 301 16.30 -37.55 -13.34
N TYR A 302 17.21 -36.96 -14.09
CA TYR A 302 18.07 -35.89 -13.60
C TYR A 302 17.47 -34.55 -14.04
N ILE A 303 17.16 -33.72 -13.07
CA ILE A 303 16.41 -32.48 -13.28
C ILE A 303 17.37 -31.29 -13.33
N GLU A 304 17.55 -30.72 -14.51
CA GLU A 304 18.28 -29.46 -14.66
C GLU A 304 17.52 -28.53 -15.60
N ALA A 305 17.90 -27.27 -15.61
CA ALA A 305 17.12 -26.24 -16.30
C ALA A 305 16.68 -26.70 -17.69
N ILE A 306 15.40 -26.52 -17.98
CA ILE A 306 14.85 -26.83 -19.30
C ILE A 306 15.47 -25.87 -20.32
N PRO A 307 15.94 -26.39 -21.48
CA PRO A 307 16.47 -25.46 -22.48
C PRO A 307 15.44 -24.41 -22.88
N GLY A 308 15.89 -23.18 -23.05
CA GLY A 308 15.00 -22.05 -23.31
C GLY A 308 14.61 -21.26 -22.08
N THR A 309 14.92 -21.76 -20.89
CA THR A 309 14.58 -21.07 -19.63
C THR A 309 15.74 -20.27 -19.05
N TYR A 310 16.90 -20.35 -19.71
CA TYR A 310 18.10 -19.55 -19.39
C TYR A 310 18.82 -19.19 -20.70
N ALA A 311 19.20 -17.92 -20.84
CA ALA A 311 19.91 -17.46 -22.05
C ALA A 311 21.41 -17.79 -22.03
N ALA A 312 21.94 -18.04 -20.83
CA ALA A 312 23.37 -18.29 -20.65
C ALA A 312 23.59 -19.08 -19.36
N GLU A 313 24.73 -19.77 -19.29
CA GLU A 313 25.10 -20.58 -18.11
C GLU A 313 24.89 -19.84 -16.78
N SER A 314 25.29 -18.58 -16.73
CA SER A 314 25.20 -17.78 -15.51
C SER A 314 23.74 -17.60 -15.02
N GLU A 315 22.79 -17.69 -15.95
CA GLU A 315 21.36 -17.54 -15.64
C GLU A 315 20.72 -18.78 -15.02
N ARG A 316 21.47 -19.88 -14.97
CA ARG A 316 21.00 -21.12 -14.33
C ARG A 316 21.03 -20.92 -12.82
N LYS A 317 19.85 -20.92 -12.19
CA LYS A 317 19.77 -20.61 -10.75
C LYS A 317 20.07 -21.81 -9.85
N TYR A 318 19.90 -23.02 -10.37
CA TYR A 318 19.95 -24.22 -9.53
C TYR A 318 20.88 -25.31 -10.08
N GLU A 319 21.53 -26.02 -9.17
CA GLU A 319 22.26 -27.23 -9.50
C GLU A 319 21.28 -28.33 -9.87
N GLY A 320 21.73 -29.23 -10.74
CA GLY A 320 20.94 -30.40 -11.09
C GLY A 320 20.63 -31.27 -9.88
N ILE A 321 19.52 -31.99 -9.93
CA ILE A 321 19.17 -32.95 -8.89
C ILE A 321 18.47 -34.16 -9.48
N ASN A 322 18.60 -35.30 -8.79
CA ASN A 322 17.84 -36.49 -9.10
C ASN A 322 16.41 -36.33 -8.59
N SER A 323 15.44 -36.60 -9.47
CA SER A 323 14.02 -36.41 -9.15
C SER A 323 13.56 -37.28 -7.96
N GLY A 324 13.85 -38.58 -8.04
CA GLY A 324 13.49 -39.51 -6.98
C GLY A 324 14.02 -39.08 -5.62
N LYS A 325 15.29 -38.69 -5.60
CA LYS A 325 15.98 -38.28 -4.38
C LYS A 325 15.34 -37.03 -3.77
N TYR A 326 15.12 -36.02 -4.61
CA TYR A 326 14.43 -34.81 -4.20
C TYR A 326 13.10 -35.11 -3.52
N LEU A 327 12.29 -35.95 -4.17
CA LEU A 327 10.94 -36.21 -3.68
C LEU A 327 10.92 -36.99 -2.39
N VAL A 328 11.79 -37.99 -2.25
CA VAL A 328 11.84 -38.73 -0.99
C VAL A 328 12.29 -37.80 0.13
N GLN A 329 13.23 -36.90 -0.18
CA GLN A 329 13.65 -35.86 0.78
C GLN A 329 12.49 -35.01 1.24
N ARG A 330 11.66 -34.53 0.32
CA ARG A 330 10.51 -33.71 0.69
C ARG A 330 9.49 -34.53 1.49
N LEU A 331 9.33 -35.81 1.13
CA LEU A 331 8.32 -36.66 1.75
C LEU A 331 8.75 -37.23 3.11
N ALA A 332 10.04 -37.56 3.22
CA ALA A 332 10.63 -38.02 4.47
C ALA A 332 10.36 -37.03 5.60
N ALA A 333 10.56 -35.74 5.31
CA ALA A 333 10.27 -34.67 6.26
C ALA A 333 8.79 -34.63 6.67
N THR A 334 7.90 -34.95 5.74
CA THR A 334 6.46 -35.04 6.02
C THR A 334 6.09 -36.28 6.83
N TYR A 335 6.87 -37.36 6.65
CA TYR A 335 6.66 -38.68 7.28
C TYR A 335 5.56 -39.49 6.59
N SER B 2 -7.35 -6.45 -12.72
CA SER B 2 -6.55 -5.79 -11.64
C SER B 2 -7.43 -5.21 -10.53
N MET B 3 -8.44 -5.97 -10.13
CA MET B 3 -9.33 -5.58 -9.05
C MET B 3 -8.62 -5.85 -7.73
N GLU B 4 -8.78 -4.95 -6.76
CA GLU B 4 -8.25 -5.16 -5.40
C GLU B 4 -8.91 -6.41 -4.79
N LYS B 5 -8.28 -7.03 -3.80
CA LYS B 5 -8.94 -8.12 -3.07
C LYS B 5 -10.21 -7.56 -2.43
N ALA B 6 -11.34 -8.17 -2.73
CA ALA B 6 -12.62 -7.75 -2.16
C ALA B 6 -12.52 -7.56 -0.64
N ALA B 7 -13.13 -6.49 -0.15
CA ALA B 7 -13.27 -6.27 1.29
C ALA B 7 -14.03 -7.42 1.95
N VAL B 8 -15.06 -7.93 1.29
CA VAL B 8 -15.87 -9.03 1.79
C VAL B 8 -16.23 -9.96 0.61
N ASN B 9 -16.06 -11.25 0.82
CA ASN B 9 -16.44 -12.26 -0.18
C ASN B 9 -16.91 -13.54 0.52
N GLU B 10 -18.21 -13.64 0.75
CA GLU B 10 -18.77 -14.77 1.46
C GLU B 10 -20.25 -14.92 1.12
N ASP B 11 -20.68 -16.17 0.91
CA ASP B 11 -22.09 -16.49 0.80
C ASP B 11 -22.80 -15.76 -0.34
N GLY B 12 -22.07 -15.48 -1.42
CA GLY B 12 -22.62 -14.74 -2.55
C GLY B 12 -22.50 -13.24 -2.47
N LEU B 13 -22.09 -12.73 -1.31
CA LEU B 13 -21.93 -11.31 -1.08
C LEU B 13 -20.50 -10.92 -1.38
N VAL B 14 -20.33 -10.07 -2.39
CA VAL B 14 -19.00 -9.59 -2.75
C VAL B 14 -18.99 -8.08 -2.60
N ILE B 15 -18.31 -7.59 -1.57
CA ILE B 15 -18.19 -6.14 -1.39
C ILE B 15 -16.80 -5.74 -1.87
N PRO B 16 -16.73 -5.01 -2.99
CA PRO B 16 -15.41 -4.66 -3.52
C PRO B 16 -14.69 -3.59 -2.69
N LEU B 17 -13.37 -3.61 -2.76
CA LEU B 17 -12.52 -2.56 -2.22
C LEU B 17 -12.01 -1.82 -3.42
N ILE B 18 -12.34 -0.54 -3.51
CA ILE B 18 -12.04 0.24 -4.71
C ILE B 18 -11.20 1.46 -4.34
N ASP B 19 -10.26 1.76 -5.21
CA ASP B 19 -9.39 2.92 -5.07
C ASP B 19 -10.06 4.11 -5.76
N PHE B 20 -10.61 5.02 -4.97
CA PHE B 20 -11.40 6.15 -5.49
C PHE B 20 -10.57 7.22 -6.20
N SER B 21 -9.28 7.31 -5.86
CA SER B 21 -8.38 8.24 -6.55
C SER B 21 -8.20 7.87 -8.02
N LYS B 22 -8.36 6.59 -8.33
CA LYS B 22 -8.37 6.15 -9.73
C LYS B 22 -9.57 6.73 -10.51
N PHE B 23 -10.70 6.93 -9.85
CA PHE B 23 -11.82 7.64 -10.48
C PHE B 23 -11.59 9.15 -10.54
N LEU B 24 -11.01 9.73 -9.49
CA LEU B 24 -10.78 11.18 -9.47
C LEU B 24 -9.60 11.64 -10.34
N GLU B 25 -8.61 10.78 -10.53
CA GLU B 25 -7.33 11.20 -11.14
C GLU B 25 -6.91 10.48 -12.43
N GLY B 26 -7.37 9.26 -12.64
CA GLY B 26 -6.91 8.46 -13.77
C GLY B 26 -7.23 9.06 -15.12
N ASP B 27 -6.66 8.47 -16.17
CA ASP B 27 -7.10 8.76 -17.53
C ASP B 27 -8.54 8.28 -17.73
N GLU B 28 -9.14 8.64 -18.87
CA GLU B 28 -10.54 8.33 -19.16
C GLU B 28 -10.85 6.84 -19.04
N THR B 29 -9.94 6.01 -19.52
CA THR B 29 -10.11 4.57 -19.49
C THR B 29 -10.21 4.06 -18.07
N LEU B 30 -9.25 4.44 -17.24
CA LEU B 30 -9.19 4.00 -15.83
C LEU B 30 -10.35 4.52 -14.99
N LYS B 31 -10.73 5.77 -15.23
CA LYS B 31 -11.88 6.41 -14.60
C LYS B 31 -13.18 5.66 -14.91
N LEU B 32 -13.34 5.27 -16.18
CA LEU B 32 -14.51 4.51 -16.60
C LEU B 32 -14.53 3.13 -15.95
N GLU B 33 -13.36 2.50 -15.88
CA GLU B 33 -13.26 1.17 -15.28
C GLU B 33 -13.58 1.23 -13.79
N THR B 34 -13.09 2.27 -13.13
CA THR B 34 -13.31 2.41 -11.70
C THR B 34 -14.79 2.70 -11.42
N ALA B 35 -15.39 3.58 -12.22
CA ALA B 35 -16.81 3.90 -12.15
C ALA B 35 -17.67 2.64 -12.32
N LYS B 36 -17.30 1.79 -13.27
CA LYS B 36 -18.04 0.55 -13.52
C LYS B 36 -17.94 -0.41 -12.34
N ALA B 37 -16.75 -0.50 -11.76
CA ALA B 37 -16.55 -1.31 -10.55
C ALA B 37 -17.41 -0.81 -9.38
N ILE B 38 -17.54 0.51 -9.28
CA ILE B 38 -18.33 1.11 -8.21
C ILE B 38 -19.80 0.76 -8.38
N LEU B 39 -20.31 1.02 -9.59
CA LEU B 39 -21.68 0.69 -9.93
C LEU B 39 -21.95 -0.81 -9.75
N HIS B 40 -21.03 -1.67 -10.21
CA HIS B 40 -21.22 -3.11 -10.07
C HIS B 40 -21.43 -3.53 -8.61
N GLY B 41 -20.68 -2.92 -7.71
CA GLY B 41 -20.84 -3.15 -6.26
C GLY B 41 -22.22 -2.76 -5.75
N PHE B 42 -22.67 -1.56 -6.14
CA PHE B 42 -24.00 -1.10 -5.78
C PHE B 42 -25.10 -1.98 -6.40
N GLN B 43 -24.87 -2.50 -7.60
CA GLN B 43 -25.85 -3.38 -8.26
C GLN B 43 -25.91 -4.79 -7.70
N THR B 44 -24.93 -5.20 -6.92
CA THR B 44 -24.83 -6.58 -6.47
C THR B 44 -24.91 -6.64 -4.95
N ALA B 45 -23.87 -6.20 -4.27
CA ALA B 45 -23.85 -6.16 -2.81
C ALA B 45 -24.66 -4.99 -2.23
N GLY B 46 -24.79 -3.91 -2.98
CA GLY B 46 -25.37 -2.67 -2.45
C GLY B 46 -24.41 -1.92 -1.54
N PHE B 47 -23.23 -2.48 -1.36
CA PHE B 47 -22.19 -1.96 -0.47
C PHE B 47 -20.88 -2.00 -1.24
N ILE B 48 -20.00 -1.04 -0.94
CA ILE B 48 -18.61 -1.06 -1.38
C ILE B 48 -17.75 -0.47 -0.27
N TYR B 49 -16.45 -0.74 -0.31
CA TYR B 49 -15.47 0.00 0.49
C TYR B 49 -14.68 0.89 -0.46
N LEU B 50 -14.43 2.14 -0.06
CA LEU B 50 -13.55 3.04 -0.81
C LEU B 50 -12.28 3.35 -0.02
N LYS B 51 -11.14 3.26 -0.70
CA LYS B 51 -9.87 3.69 -0.16
C LYS B 51 -9.34 4.85 -1.00
N ASN B 52 -8.41 5.60 -0.42
CA ASN B 52 -7.80 6.76 -1.07
C ASN B 52 -8.84 7.78 -1.49
N ILE B 53 -9.62 8.22 -0.52
CA ILE B 53 -10.64 9.25 -0.69
C ILE B 53 -10.07 10.62 -0.26
N PRO B 54 -10.66 11.72 -0.76
CA PRO B 54 -10.06 13.05 -0.51
C PRO B 54 -9.95 13.43 0.97
N ILE B 55 -10.85 12.91 1.79
CA ILE B 55 -10.84 13.17 3.21
C ILE B 55 -9.59 12.52 3.82
N GLN B 56 -8.85 13.30 4.60
CA GLN B 56 -7.57 12.87 5.15
C GLN B 56 -7.72 12.11 6.47
N PRO B 57 -6.84 11.11 6.72
CA PRO B 57 -6.90 10.30 7.94
C PRO B 57 -6.72 11.09 9.24
N ASP B 58 -5.82 12.06 9.24
CA ASP B 58 -5.60 12.89 10.44
C ASP B 58 -6.88 13.64 10.81
N PHE B 59 -7.56 14.19 9.80
CA PHE B 59 -8.77 14.95 10.05
C PHE B 59 -9.86 14.00 10.54
N ARG B 60 -10.00 12.87 9.86
CA ARG B 60 -10.93 11.79 10.27
C ARG B 60 -10.72 11.43 11.74
N GLU B 61 -9.49 11.09 12.10
CA GLU B 61 -9.14 10.80 13.50
C GLU B 61 -9.58 11.93 14.44
N HIS B 62 -9.31 13.16 14.03
CA HIS B 62 -9.71 14.35 14.79
C HIS B 62 -11.23 14.42 15.00
N VAL B 63 -11.99 14.14 13.94
CA VAL B 63 -13.46 14.17 14.02
C VAL B 63 -13.97 13.10 14.98
N PHE B 64 -13.36 11.92 14.96
CA PHE B 64 -13.68 10.85 15.92
C PHE B 64 -13.37 11.25 17.36
N ASN B 65 -12.19 11.82 17.57
CA ASN B 65 -11.81 12.34 18.91
C ASN B 65 -12.81 13.38 19.37
N THR B 66 -13.16 14.29 18.47
CA THR B 66 -14.16 15.33 18.74
C THR B 66 -15.53 14.72 19.08
N SER B 67 -15.89 13.64 18.40
CA SER B 67 -17.13 12.94 18.69
C SER B 67 -17.10 12.31 20.07
N ALA B 68 -15.98 11.66 20.40
CA ALA B 68 -15.82 11.03 21.71
C ALA B 68 -16.02 12.03 22.86
N LYS B 69 -15.47 13.23 22.70
CA LYS B 69 -15.61 14.27 23.71
C LYS B 69 -17.07 14.70 23.89
N PHE B 70 -17.81 14.79 22.79
CA PHE B 70 -19.23 15.11 22.89
C PHE B 70 -19.98 14.09 23.75
N PHE B 71 -19.74 12.81 23.51
CA PHE B 71 -20.47 11.76 24.24
C PHE B 71 -20.01 11.59 25.69
N LYS B 72 -18.84 12.15 26.03
CA LYS B 72 -18.39 12.21 27.44
C LYS B 72 -19.14 13.24 28.29
N LEU B 73 -19.89 14.14 27.66
CA LEU B 73 -20.77 15.06 28.37
C LEU B 73 -21.74 14.30 29.28
N PRO B 74 -22.12 14.93 30.42
CA PRO B 74 -23.13 14.31 31.27
C PRO B 74 -24.49 14.26 30.59
N LYS B 75 -25.32 13.29 30.97
CA LYS B 75 -26.59 13.05 30.30
C LYS B 75 -27.43 14.32 30.11
N GLU B 76 -27.53 15.16 31.14
CA GLU B 76 -28.41 16.34 31.06
C GLU B 76 -27.94 17.38 30.04
N LYS B 77 -26.63 17.50 29.85
CA LYS B 77 -26.07 18.35 28.78
C LYS B 77 -26.48 17.81 27.41
N LYS B 78 -26.28 16.51 27.20
CA LYS B 78 -26.62 15.89 25.94
C LYS B 78 -28.12 15.97 25.66
N LEU B 79 -28.92 15.79 26.71
CA LEU B 79 -30.38 15.88 26.58
C LEU B 79 -30.85 17.32 26.29
N GLU B 80 -30.05 18.31 26.66
CA GLU B 80 -30.35 19.72 26.35
C GLU B 80 -30.33 20.00 24.84
N VAL B 81 -29.58 19.20 24.09
CA VAL B 81 -29.50 19.30 22.63
C VAL B 81 -30.19 18.09 21.99
N GLY B 82 -31.24 17.64 22.67
CA GLY B 82 -31.92 16.40 22.33
C GLY B 82 -32.76 16.46 21.07
N TRP B 83 -32.88 15.31 20.43
CA TRP B 83 -33.67 15.11 19.22
C TRP B 83 -35.11 15.49 19.52
N THR B 84 -35.72 16.28 18.64
CA THR B 84 -37.10 16.73 18.83
C THR B 84 -38.06 16.02 17.87
N THR B 85 -37.97 16.35 16.59
CA THR B 85 -38.94 15.89 15.60
C THR B 85 -38.31 15.17 14.41
N PRO B 86 -39.07 14.27 13.76
CA PRO B 86 -38.57 13.68 12.52
C PRO B 86 -38.36 14.71 11.41
N GLU B 87 -39.13 15.79 11.41
CA GLU B 87 -39.00 16.80 10.36
C GLU B 87 -37.75 17.67 10.50
N ALA B 88 -37.24 17.79 11.72
CA ALA B 88 -35.95 18.44 11.95
C ALA B 88 -34.82 17.42 11.77
N ASN B 89 -35.03 16.24 12.35
CA ASN B 89 -34.07 15.13 12.33
C ASN B 89 -32.67 15.53 12.80
N ARG B 90 -32.63 16.31 13.87
CA ARG B 90 -31.38 16.82 14.41
C ARG B 90 -31.38 16.67 15.92
N GLY B 91 -30.20 16.40 16.47
CA GLY B 91 -30.00 16.35 17.91
C GLY B 91 -29.58 15.02 18.49
N TYR B 92 -29.50 15.00 19.82
CA TYR B 92 -29.00 13.85 20.55
C TYR B 92 -30.14 12.88 20.83
N SER B 93 -29.84 11.59 20.69
CA SER B 93 -30.82 10.56 20.92
C SER B 93 -30.15 9.36 21.60
N ALA B 94 -30.90 8.72 22.49
CA ALA B 94 -30.45 7.51 23.15
C ALA B 94 -31.63 6.56 23.25
N PRO B 95 -31.59 5.43 22.52
CA PRO B 95 -32.66 4.46 22.74
C PRO B 95 -32.70 3.99 24.19
N GLY B 96 -33.91 3.95 24.75
CA GLY B 96 -34.15 3.45 26.09
C GLY B 96 -35.55 2.89 26.16
N ARG B 97 -35.88 2.21 27.26
CA ARG B 97 -37.20 1.61 27.42
C ARG B 97 -38.26 2.69 27.64
N GLU B 98 -39.41 2.50 27.01
CA GLU B 98 -40.56 3.37 27.29
C GLU B 98 -41.06 3.11 28.71
N LYS B 99 -41.32 4.17 29.45
CA LYS B 99 -41.76 4.07 30.84
C LYS B 99 -43.24 3.69 30.89
N VAL B 100 -43.59 2.69 31.69
CA VAL B 100 -44.98 2.27 31.85
C VAL B 100 -45.74 3.37 32.58
N THR B 101 -46.95 3.68 32.11
CA THR B 101 -47.76 4.78 32.65
C THR B 101 -49.18 4.34 32.94
N ILE B 109 -47.26 -3.68 27.54
CA ILE B 109 -46.72 -3.48 28.88
C ILE B 109 -45.74 -4.60 29.23
N GLU B 110 -46.19 -5.84 29.12
CA GLU B 110 -45.32 -7.01 29.30
C GLU B 110 -44.17 -6.95 28.29
N LYS B 111 -44.48 -6.54 27.06
CA LYS B 111 -43.48 -6.41 26.00
C LYS B 111 -42.58 -5.18 26.20
N ILE B 112 -43.10 -4.15 26.84
CA ILE B 112 -42.34 -2.92 27.11
C ILE B 112 -41.20 -3.19 28.10
N ARG B 113 -41.56 -3.69 29.28
CA ARG B 113 -40.55 -4.05 30.29
C ARG B 113 -39.75 -5.31 29.91
N SER B 114 -40.19 -6.00 28.85
CA SER B 114 -39.41 -7.07 28.23
C SER B 114 -38.88 -6.61 26.86
N ALA B 115 -38.24 -5.46 26.83
CA ALA B 115 -37.62 -4.92 25.62
C ALA B 115 -36.10 -4.80 25.80
N ALA B 116 -35.36 -5.01 24.72
CA ALA B 116 -33.90 -4.89 24.72
C ALA B 116 -33.49 -3.83 23.70
N PRO B 117 -33.46 -2.54 24.13
CA PRO B 117 -33.13 -1.48 23.17
C PRO B 117 -31.66 -1.50 22.74
N ASP B 118 -31.41 -1.04 21.51
CA ASP B 118 -30.05 -0.95 20.97
C ASP B 118 -29.16 -0.16 21.94
N ILE B 119 -27.99 -0.70 22.24
CA ILE B 119 -27.07 -0.10 23.21
C ILE B 119 -26.20 0.89 22.48
N LYS B 120 -26.79 2.04 22.17
CA LYS B 120 -26.12 3.08 21.40
C LYS B 120 -26.67 4.45 21.76
N GLU B 121 -25.90 5.47 21.41
CA GLU B 121 -26.39 6.84 21.45
C GLU B 121 -25.92 7.53 20.19
N SER B 122 -26.64 8.55 19.78
CA SER B 122 -26.30 9.26 18.55
C SER B 122 -26.53 10.75 18.69
N TYR B 123 -25.88 11.50 17.80
CA TYR B 123 -26.08 12.93 17.68
C TYR B 123 -26.08 13.31 16.21
N GLU B 124 -27.15 13.97 15.78
CA GLU B 124 -27.35 14.25 14.37
C GLU B 124 -27.32 15.73 14.04
N ILE B 125 -26.63 16.02 12.93
CA ILE B 125 -26.33 17.37 12.47
C ILE B 125 -26.80 17.45 11.03
N GLY B 126 -27.59 18.47 10.72
CA GLY B 126 -28.01 18.76 9.36
C GLY B 126 -27.21 19.91 8.81
N ARG B 127 -27.59 20.42 7.64
CA ARG B 127 -26.92 21.60 7.09
C ARG B 127 -27.31 22.83 7.91
N GLU B 128 -26.45 23.83 7.86
CA GLU B 128 -26.56 25.02 8.72
C GLU B 128 -27.66 25.99 8.31
N ASP B 129 -28.05 25.95 7.05
CA ASP B 129 -28.82 27.02 6.44
C ASP B 129 -30.30 26.66 6.22
N GLU B 130 -30.78 25.59 6.84
CA GLU B 130 -32.11 25.10 6.53
C GLU B 130 -33.19 25.89 7.25
N PRO B 131 -34.03 26.62 6.48
CA PRO B 131 -35.10 27.40 7.09
C PRO B 131 -35.91 26.57 8.07
N GLY B 132 -36.11 27.10 9.27
CA GLY B 132 -36.96 26.47 10.27
C GLY B 132 -36.38 25.29 11.03
N HIS B 133 -35.19 24.82 10.65
CA HIS B 133 -34.57 23.66 11.31
C HIS B 133 -33.10 23.91 11.65
N PRO B 134 -32.83 24.77 12.66
CA PRO B 134 -31.44 24.98 13.07
C PRO B 134 -30.85 23.76 13.77
N ASN B 135 -29.53 23.63 13.73
CA ASN B 135 -28.83 22.57 14.46
C ASN B 135 -28.75 22.91 15.94
N PRO B 136 -29.08 21.94 16.82
CA PRO B 136 -28.91 22.17 18.26
C PRO B 136 -27.45 21.91 18.70
N TRP B 137 -26.63 22.94 18.68
CA TRP B 137 -25.22 22.84 19.02
C TRP B 137 -25.01 22.87 20.53
N PRO B 138 -24.10 22.04 21.05
CA PRO B 138 -23.72 22.13 22.45
C PRO B 138 -22.91 23.39 22.72
N ALA B 139 -22.85 23.79 23.99
CA ALA B 139 -22.07 24.95 24.40
C ALA B 139 -20.58 24.73 24.11
N GLU B 140 -19.99 25.67 23.38
CA GLU B 140 -18.59 25.66 23.06
C GLU B 140 -17.79 26.09 24.29
N GLN B 141 -17.57 25.15 25.19
CA GLN B 141 -16.74 25.37 26.38
C GLN B 141 -15.99 24.10 26.74
N ASP B 142 -14.82 24.28 27.36
CA ASP B 142 -13.97 23.18 27.79
C ASP B 142 -13.57 22.30 26.60
N ASP B 143 -13.76 20.99 26.70
CA ASP B 143 -13.34 20.06 25.65
C ASP B 143 -14.14 20.14 24.34
N LEU B 144 -15.20 20.95 24.32
CA LEU B 144 -16.05 21.07 23.14
C LEU B 144 -15.77 22.32 22.28
N VAL B 145 -14.75 23.10 22.65
CA VAL B 145 -14.35 24.25 21.83
C VAL B 145 -13.89 23.76 20.46
N GLY B 146 -14.52 24.26 19.41
CA GLY B 146 -14.24 23.82 18.05
C GLY B 146 -15.10 22.65 17.58
N PHE B 147 -16.06 22.23 18.40
CA PHE B 147 -16.98 21.15 18.03
C PHE B 147 -17.78 21.51 16.79
N LYS B 148 -18.29 22.75 16.77
CA LYS B 148 -19.14 23.22 15.67
C LYS B 148 -18.36 23.31 14.37
N SER B 149 -17.21 23.97 14.41
CA SER B 149 -16.35 24.12 13.22
C SER B 149 -15.83 22.78 12.69
N THR B 150 -15.51 21.86 13.59
CA THR B 150 -15.04 20.52 13.21
C THR B 150 -16.13 19.78 12.43
N MET B 151 -17.31 19.65 13.04
CA MET B 151 -18.43 18.93 12.45
C MET B 151 -18.96 19.56 11.17
N ASN B 152 -19.03 20.90 11.13
CA ASN B 152 -19.43 21.61 9.91
C ASN B 152 -18.46 21.39 8.74
N ASN B 153 -17.17 21.36 9.05
CA ASN B 153 -16.12 21.06 8.05
C ASN B 153 -16.23 19.62 7.51
N PHE B 154 -16.47 18.67 8.41
CA PHE B 154 -16.62 17.26 8.01
C PHE B 154 -17.88 17.07 7.16
N PHE B 155 -18.95 17.77 7.55
CA PHE B 155 -20.21 17.75 6.80
C PHE B 155 -19.97 18.16 5.35
N ASP B 156 -19.21 19.23 5.16
CA ASP B 156 -18.91 19.76 3.83
C ASP B 156 -18.02 18.84 3.00
N GLN B 157 -17.08 18.16 3.64
CA GLN B 157 -16.19 17.23 2.91
C GLN B 157 -16.95 15.96 2.50
N CYS B 158 -17.82 15.47 3.37
CA CYS B 158 -18.71 14.35 3.03
C CYS B 158 -19.71 14.73 1.93
N LYS B 159 -20.24 15.95 2.03
CA LYS B 159 -21.12 16.51 0.99
C LYS B 159 -20.46 16.45 -0.39
N ALA B 160 -19.18 16.84 -0.46
CA ALA B 160 -18.40 16.79 -1.70
C ALA B 160 -18.17 15.35 -2.18
N LEU B 161 -17.80 14.46 -1.26
CA LEU B 161 -17.63 13.04 -1.59
C LEU B 161 -18.93 12.43 -2.16
N HIS B 162 -20.07 12.80 -1.58
CA HIS B 162 -21.37 12.34 -2.08
C HIS B 162 -21.56 12.65 -3.57
N ILE B 163 -21.34 13.91 -3.95
CA ILE B 163 -21.45 14.34 -5.36
C ILE B 163 -20.53 13.53 -6.27
N GLU B 164 -19.32 13.28 -5.80
CA GLU B 164 -18.35 12.50 -6.57
C GLU B 164 -18.76 11.04 -6.70
N VAL B 165 -19.31 10.45 -5.65
CA VAL B 165 -19.78 9.05 -5.75
C VAL B 165 -20.92 8.96 -6.76
N MET B 166 -21.82 9.94 -6.78
CA MET B 166 -22.94 9.90 -7.72
C MET B 166 -22.46 10.09 -9.17
N ARG B 167 -21.44 10.92 -9.37
CA ARG B 167 -20.78 11.03 -10.68
C ARG B 167 -20.19 9.69 -11.14
N ALA B 168 -19.63 8.93 -10.22
CA ALA B 168 -19.10 7.60 -10.56
C ALA B 168 -20.22 6.64 -10.98
N ILE B 169 -21.35 6.72 -10.29
CA ILE B 169 -22.52 5.93 -10.66
C ILE B 169 -23.02 6.35 -12.04
N ALA B 170 -23.11 7.66 -12.27
CA ALA B 170 -23.50 8.18 -13.60
C ALA B 170 -22.58 7.69 -14.70
N VAL B 171 -21.27 7.85 -14.50
CA VAL B 171 -20.27 7.42 -15.47
C VAL B 171 -20.39 5.91 -15.71
N GLY B 172 -20.48 5.14 -14.64
CA GLY B 172 -20.67 3.69 -14.75
C GLY B 172 -21.92 3.30 -15.51
N MET B 173 -22.99 4.07 -15.33
CA MET B 173 -24.26 3.85 -16.03
C MET B 173 -24.21 4.27 -17.50
N GLY B 174 -23.22 5.07 -17.86
CA GLY B 174 -23.12 5.58 -19.22
C GLY B 174 -24.11 6.69 -19.53
N ILE B 175 -24.53 7.40 -18.48
CA ILE B 175 -25.40 8.57 -18.65
C ILE B 175 -24.53 9.81 -18.43
N ASP B 176 -25.10 11.00 -18.63
CA ASP B 176 -24.32 12.23 -18.42
C ASP B 176 -23.66 12.17 -17.05
N ALA B 177 -22.36 12.46 -17.01
CA ALA B 177 -21.57 12.31 -15.80
C ALA B 177 -22.10 13.18 -14.67
N ASN B 178 -22.73 14.31 -15.02
CA ASN B 178 -23.27 15.25 -14.04
C ASN B 178 -24.78 15.14 -13.84
N TYR B 179 -25.37 14.04 -14.29
CA TYR B 179 -26.79 13.82 -14.16
C TYR B 179 -27.35 14.14 -12.78
N PHE B 180 -26.64 13.71 -11.73
CA PHE B 180 -27.14 13.80 -10.37
C PHE B 180 -26.91 15.13 -9.66
N ASP B 181 -25.97 15.95 -10.17
CA ASP B 181 -25.62 17.23 -9.53
C ASP B 181 -26.86 18.03 -9.10
N SER B 182 -27.76 18.27 -10.03
CA SER B 182 -28.93 19.10 -9.76
C SER B 182 -30.00 18.43 -8.89
N PHE B 183 -29.88 17.12 -8.69
CA PHE B 183 -30.74 16.40 -7.76
C PHE B 183 -30.21 16.42 -6.34
N VAL B 184 -28.93 16.74 -6.15
CA VAL B 184 -28.29 16.62 -4.84
C VAL B 184 -27.53 17.85 -4.34
N ASP B 185 -27.50 18.93 -5.13
CA ASP B 185 -26.61 20.08 -4.85
C ASP B 185 -26.93 20.87 -3.58
N VAL B 186 -28.15 20.76 -3.07
CA VAL B 186 -28.54 21.46 -1.85
C VAL B 186 -27.85 20.87 -0.64
N GLY B 187 -27.65 19.55 -0.65
CA GLY B 187 -26.97 18.85 0.44
C GLY B 187 -27.89 18.63 1.64
N ASP B 188 -29.08 18.10 1.40
CA ASP B 188 -30.04 17.79 2.46
C ASP B 188 -29.68 16.47 3.13
N ASN B 189 -28.51 16.47 3.74
CA ASN B 189 -27.87 15.29 4.28
C ASN B 189 -27.83 15.37 5.81
N ILE B 190 -27.64 14.22 6.45
CA ILE B 190 -27.54 14.15 7.90
C ILE B 190 -26.23 13.48 8.30
N LEU B 191 -25.47 14.19 9.13
CA LEU B 191 -24.25 13.66 9.72
C LEU B 191 -24.62 13.09 11.09
N ARG B 192 -24.48 11.77 11.23
CA ARG B 192 -24.83 11.09 12.46
C ARG B 192 -23.59 10.55 13.17
N LEU B 193 -23.27 11.15 14.31
CA LEU B 193 -22.23 10.65 15.19
C LEU B 193 -22.80 9.51 16.00
N LEU B 194 -22.08 8.39 16.08
CA LEU B 194 -22.53 7.23 16.84
C LEU B 194 -21.50 6.80 17.89
N HIS B 195 -22.02 6.43 19.05
CA HIS B 195 -21.22 5.91 20.13
C HIS B 195 -21.95 4.73 20.73
N TYR B 196 -21.31 3.56 20.66
CA TYR B 196 -21.81 2.34 21.27
C TYR B 196 -21.01 2.12 22.55
N PRO B 197 -21.63 2.35 23.72
CA PRO B 197 -20.85 2.24 24.96
C PRO B 197 -20.23 0.87 25.23
N ALA B 198 -19.26 0.86 26.14
CA ALA B 198 -18.67 -0.36 26.65
C ALA B 198 -19.78 -1.28 27.14
N VAL B 199 -19.71 -2.55 26.78
CA VAL B 199 -20.72 -3.51 27.18
C VAL B 199 -20.04 -4.85 27.52
N LYS B 200 -20.51 -5.47 28.60
CA LYS B 200 -20.00 -6.76 29.02
C LYS B 200 -20.56 -7.85 28.10
N SER B 201 -19.73 -8.87 27.85
CA SER B 201 -20.13 -10.01 27.03
C SER B 201 -21.31 -10.76 27.63
N GLU B 202 -21.34 -10.85 28.96
CA GLU B 202 -22.44 -11.50 29.71
C GLU B 202 -23.82 -11.02 29.25
N VAL B 203 -23.91 -9.73 28.92
CA VAL B 203 -25.16 -9.14 28.43
C VAL B 203 -25.71 -9.95 27.26
N PHE B 204 -24.83 -10.34 26.35
CA PHE B 204 -25.24 -11.08 25.14
C PHE B 204 -25.50 -12.56 25.42
N LYS B 205 -24.88 -13.08 26.49
CA LYS B 205 -25.17 -14.43 26.96
C LYS B 205 -26.57 -14.46 27.55
N ILE B 206 -26.88 -13.46 28.37
CA ILE B 206 -28.17 -13.35 29.04
C ILE B 206 -29.28 -12.99 28.06
N ASN B 207 -29.01 -12.00 27.22
CA ASN B 207 -30.00 -11.50 26.25
C ASN B 207 -29.72 -12.12 24.88
N PRO B 208 -30.70 -12.88 24.35
CA PRO B 208 -30.45 -13.57 23.08
C PRO B 208 -30.27 -12.59 21.92
N GLY B 209 -31.29 -11.79 21.64
CA GLY B 209 -31.30 -10.90 20.49
C GLY B 209 -30.84 -9.49 20.80
N GLN B 210 -29.97 -9.34 21.78
CA GLN B 210 -29.40 -8.04 22.12
C GLN B 210 -28.34 -7.68 21.08
N VAL B 211 -28.50 -6.49 20.47
CA VAL B 211 -27.58 -6.02 19.44
C VAL B 211 -27.18 -4.58 19.71
N ARG B 212 -26.18 -4.09 19.00
CA ARG B 212 -25.75 -2.70 19.10
C ARG B 212 -26.54 -1.76 18.17
N ALA B 213 -26.86 -2.24 16.98
CA ALA B 213 -27.80 -1.54 16.07
C ALA B 213 -28.66 -2.56 15.37
N GLY B 214 -29.97 -2.41 15.49
CA GLY B 214 -30.92 -3.37 14.93
C GLY B 214 -30.86 -3.39 13.42
N GLU B 215 -31.16 -4.54 12.83
CA GLU B 215 -31.15 -4.68 11.37
C GLU B 215 -32.12 -3.70 10.68
N HIS B 216 -31.70 -3.18 9.54
CA HIS B 216 -32.48 -2.20 8.82
C HIS B 216 -31.86 -1.95 7.45
N THR B 217 -32.60 -1.24 6.61
CA THR B 217 -32.01 -0.60 5.44
C THR B 217 -32.03 0.90 5.68
N ASP B 218 -31.07 1.61 5.09
CA ASP B 218 -31.09 3.07 5.14
C ASP B 218 -32.15 3.60 4.17
N TYR B 219 -32.71 4.76 4.53
CA TYR B 219 -33.83 5.34 3.79
C TYR B 219 -33.42 6.11 2.53
N GLY B 220 -32.24 6.74 2.58
CA GLY B 220 -31.83 7.73 1.59
C GLY B 220 -31.23 7.21 0.30
N SER B 221 -30.35 8.01 -0.30
CA SER B 221 -29.70 7.63 -1.54
C SER B 221 -28.42 6.83 -1.28
N ILE B 222 -27.40 7.45 -0.70
CA ILE B 222 -26.24 6.67 -0.22
C ILE B 222 -25.84 7.10 1.18
N THR B 223 -25.16 6.17 1.86
CA THR B 223 -24.59 6.43 3.17
C THR B 223 -23.08 6.24 3.12
N LEU B 224 -22.37 7.19 3.74
CA LEU B 224 -20.93 7.12 3.91
C LEU B 224 -20.71 6.73 5.35
N LEU B 225 -20.11 5.56 5.55
CA LEU B 225 -19.92 5.02 6.88
C LEU B 225 -18.43 4.94 7.23
N PHE B 226 -18.05 5.70 8.25
CA PHE B 226 -16.70 5.67 8.80
C PHE B 226 -16.76 4.89 10.09
N GLN B 227 -16.10 3.74 10.15
CA GLN B 227 -16.09 2.96 11.37
C GLN B 227 -14.68 2.87 11.94
N ASP B 228 -14.60 2.60 13.25
CA ASP B 228 -13.31 2.34 13.91
C ASP B 228 -12.98 0.85 13.77
N SER B 229 -11.98 0.38 14.51
CA SER B 229 -11.46 -0.97 14.35
C SER B 229 -12.13 -2.04 15.21
N ARG B 230 -13.16 -1.69 15.98
CA ARG B 230 -13.80 -2.63 16.90
C ARG B 230 -14.50 -3.78 16.18
N GLY B 231 -15.12 -3.47 15.04
CA GLY B 231 -15.89 -4.48 14.30
C GLY B 231 -17.30 -4.63 14.84
N GLY B 232 -18.07 -5.51 14.21
CA GLY B 232 -19.45 -5.75 14.61
C GLY B 232 -20.48 -5.41 13.54
N LEU B 233 -20.10 -4.56 12.57
CA LEU B 233 -20.97 -4.29 11.43
C LEU B 233 -21.14 -5.56 10.63
N GLN B 234 -22.37 -5.85 10.24
CA GLN B 234 -22.68 -7.03 9.45
C GLN B 234 -23.65 -6.67 8.33
N VAL B 235 -23.44 -7.30 7.16
CA VAL B 235 -24.22 -7.05 5.96
C VAL B 235 -24.88 -8.37 5.54
N LYS B 236 -26.17 -8.32 5.24
CA LYS B 236 -26.89 -9.54 4.90
C LYS B 236 -26.58 -9.97 3.45
N SER B 237 -26.13 -11.21 3.31
CA SER B 237 -25.78 -11.77 2.01
C SER B 237 -27.04 -11.97 1.15
N PRO B 238 -26.87 -12.12 -0.18
CA PRO B 238 -28.04 -12.48 -0.99
C PRO B 238 -28.60 -13.87 -0.67
N ASN B 239 -27.88 -14.70 0.08
CA ASN B 239 -28.42 -15.99 0.56
C ASN B 239 -28.91 -15.96 2.01
N GLY B 240 -29.15 -14.77 2.53
CA GLY B 240 -29.93 -14.61 3.75
C GLY B 240 -29.17 -14.72 5.05
N GLN B 241 -27.85 -14.57 5.02
CA GLN B 241 -27.00 -14.68 6.20
C GLN B 241 -26.18 -13.41 6.41
N PHE B 242 -26.07 -12.98 7.67
CA PHE B 242 -25.28 -11.81 8.03
C PHE B 242 -23.78 -12.10 7.95
N ILE B 243 -23.07 -11.25 7.25
CA ILE B 243 -21.65 -11.42 7.03
C ILE B 243 -20.91 -10.25 7.67
N ASP B 244 -19.82 -10.55 8.37
CA ASP B 244 -19.04 -9.51 9.04
C ASP B 244 -18.42 -8.56 8.02
N ALA B 245 -18.68 -7.27 8.18
CA ALA B 245 -18.04 -6.26 7.37
C ALA B 245 -16.79 -5.79 8.13
N THR B 246 -15.69 -6.52 7.93
CA THR B 246 -14.48 -6.29 8.70
C THR B 246 -13.92 -4.90 8.45
N PRO B 247 -13.54 -4.17 9.53
CA PRO B 247 -12.93 -2.86 9.35
C PRO B 247 -11.61 -2.92 8.59
N ILE B 248 -11.40 -1.97 7.69
CA ILE B 248 -10.14 -1.86 6.97
C ILE B 248 -9.65 -0.43 7.19
N GLU B 249 -8.40 -0.29 7.62
CA GLU B 249 -7.84 1.02 7.95
C GLU B 249 -7.99 1.98 6.79
N ASN B 250 -8.41 3.20 7.12
CA ASN B 250 -8.54 4.29 6.15
C ASN B 250 -9.48 3.95 4.99
N THR B 251 -10.53 3.19 5.27
CA THR B 251 -11.59 3.00 4.28
C THR B 251 -12.88 3.66 4.75
N VAL B 252 -13.70 4.05 3.79
CA VAL B 252 -15.08 4.40 4.04
C VAL B 252 -15.96 3.32 3.42
N VAL B 253 -16.97 2.89 4.18
CA VAL B 253 -17.93 1.92 3.70
C VAL B 253 -19.11 2.71 3.13
N VAL B 254 -19.46 2.43 1.88
CA VAL B 254 -20.53 3.16 1.20
C VAL B 254 -21.63 2.19 0.81
N ASN B 255 -22.88 2.53 1.16
CA ASN B 255 -24.03 1.71 0.77
C ASN B 255 -25.18 2.52 0.21
N ALA B 256 -25.92 1.89 -0.70
CA ALA B 256 -27.14 2.47 -1.25
C ALA B 256 -28.30 2.35 -0.26
N GLY B 257 -29.18 3.34 -0.27
CA GLY B 257 -30.37 3.31 0.57
C GLY B 257 -31.64 3.07 -0.24
N ASP B 258 -32.77 3.01 0.45
CA ASP B 258 -34.05 2.61 -0.18
C ASP B 258 -34.48 3.57 -1.27
N LEU B 259 -34.18 4.86 -1.12
CA LEU B 259 -34.57 5.84 -2.12
C LEU B 259 -33.80 5.63 -3.43
N LEU B 260 -32.51 5.30 -3.33
CA LEU B 260 -31.70 5.03 -4.52
C LEU B 260 -32.08 3.71 -5.19
N ALA B 261 -32.34 2.67 -4.41
CA ALA B 261 -32.93 1.44 -4.94
C ALA B 261 -34.12 1.75 -5.85
N ARG B 262 -35.05 2.52 -5.31
CA ARG B 262 -36.26 2.91 -6.02
C ARG B 262 -35.94 3.76 -7.26
N TRP B 263 -35.15 4.80 -7.04
CA TRP B 263 -34.68 5.71 -8.09
C TRP B 263 -34.03 4.94 -9.25
N SER B 264 -33.30 3.88 -8.92
CA SER B 264 -32.61 3.06 -9.91
C SER B 264 -33.50 2.00 -10.55
N ASN B 265 -34.80 2.04 -10.26
CA ASN B 265 -35.73 1.00 -10.68
C ASN B 265 -35.23 -0.39 -10.26
N ASP B 266 -34.67 -0.46 -9.05
CA ASP B 266 -34.13 -1.68 -8.45
C ASP B 266 -32.90 -2.30 -9.13
N THR B 267 -32.19 -1.54 -9.96
CA THR B 267 -30.94 -2.06 -10.50
C THR B 267 -29.84 -1.94 -9.44
N ILE B 268 -30.03 -1.02 -8.50
CA ILE B 268 -29.13 -0.86 -7.36
C ILE B 268 -29.84 -1.41 -6.14
N LYS B 269 -29.08 -2.09 -5.29
CA LYS B 269 -29.60 -2.75 -4.11
C LYS B 269 -29.44 -1.89 -2.86
N SER B 270 -30.48 -1.83 -2.03
CA SER B 270 -30.38 -1.33 -0.65
C SER B 270 -30.41 -2.55 0.27
N THR B 271 -29.31 -2.76 0.97
CA THR B 271 -29.03 -4.04 1.60
C THR B 271 -29.18 -3.92 3.12
N VAL B 272 -29.77 -4.97 3.71
CA VAL B 272 -29.99 -5.04 5.15
C VAL B 272 -28.64 -5.18 5.87
N HIS B 273 -28.51 -4.44 6.96
CA HIS B 273 -27.31 -4.51 7.79
C HIS B 273 -27.62 -4.16 9.24
N ARG B 274 -26.67 -4.45 10.11
CA ARG B 274 -26.86 -4.35 11.56
C ARG B 274 -25.50 -4.26 12.23
N VAL B 275 -25.49 -3.95 13.52
CA VAL B 275 -24.28 -3.98 14.32
C VAL B 275 -24.55 -4.91 15.48
N VAL B 276 -23.75 -5.95 15.57
CA VAL B 276 -23.85 -6.93 16.64
C VAL B 276 -22.62 -6.84 17.54
N GLU B 277 -22.59 -7.73 18.52
CA GLU B 277 -21.42 -7.98 19.34
C GLU B 277 -20.16 -8.17 18.47
N PRO B 278 -19.02 -7.56 18.86
CA PRO B 278 -17.80 -7.77 18.09
C PRO B 278 -17.34 -9.23 18.07
N PRO B 279 -16.59 -9.63 17.04
CA PRO B 279 -16.27 -11.04 16.80
C PRO B 279 -15.14 -11.61 17.65
N LYS B 280 -14.74 -10.93 18.72
CA LYS B 280 -13.64 -11.42 19.56
C LYS B 280 -14.06 -11.76 20.99
N GLN B 281 -13.26 -12.60 21.64
CA GLN B 281 -13.52 -13.03 23.01
C GLN B 281 -12.82 -12.14 24.03
N GLU B 282 -13.61 -11.56 24.92
CA GLU B 282 -13.13 -10.68 25.97
C GLU B 282 -14.28 -10.49 26.96
N ASP B 283 -13.96 -10.13 28.19
CA ASP B 283 -14.98 -9.93 29.21
C ASP B 283 -15.83 -8.68 28.89
N VAL B 284 -15.16 -7.60 28.51
CA VAL B 284 -15.81 -6.33 28.22
C VAL B 284 -15.47 -5.88 26.80
N HIS B 285 -16.49 -5.58 26.01
CA HIS B 285 -16.25 -4.99 24.69
C HIS B 285 -16.09 -3.49 24.87
N PRO B 286 -14.92 -2.95 24.51
CA PRO B 286 -14.72 -1.51 24.69
C PRO B 286 -15.65 -0.68 23.82
N PRO B 287 -15.65 0.66 24.01
CA PRO B 287 -16.56 1.47 23.22
C PRO B 287 -16.27 1.39 21.72
N ARG B 288 -17.34 1.39 20.92
CA ARG B 288 -17.21 1.44 19.46
C ARG B 288 -17.74 2.78 18.99
N TYR B 289 -16.98 3.44 18.12
CA TYR B 289 -17.41 4.69 17.50
C TYR B 289 -17.58 4.51 15.99
N SER B 290 -18.63 5.09 15.44
CA SER B 290 -18.75 5.22 14.00
C SER B 290 -19.42 6.54 13.66
N ILE B 291 -19.25 6.96 12.42
CA ILE B 291 -19.93 8.13 11.90
C ILE B 291 -20.61 7.77 10.57
N ALA B 292 -21.92 8.02 10.49
CA ALA B 292 -22.69 7.74 9.29
C ALA B 292 -23.15 9.06 8.70
N TYR B 293 -22.78 9.31 7.44
CA TYR B 293 -23.27 10.47 6.70
C TYR B 293 -24.35 10.04 5.70
N PHE B 294 -25.60 10.35 6.02
CA PHE B 294 -26.75 9.96 5.20
C PHE B 294 -26.99 10.99 4.11
N CYS B 295 -26.76 10.57 2.87
CA CYS B 295 -26.98 11.43 1.71
C CYS B 295 -28.37 11.22 1.14
N ASN B 296 -28.99 12.33 0.77
CA ASN B 296 -30.34 12.34 0.24
C ASN B 296 -30.37 13.31 -0.91
N PRO B 297 -31.29 13.10 -1.87
CA PRO B 297 -31.52 14.11 -2.88
C PRO B 297 -32.16 15.34 -2.25
N ASN B 298 -32.08 16.47 -2.94
CA ASN B 298 -32.78 17.70 -2.54
C ASN B 298 -34.23 17.44 -2.16
N HIS B 299 -34.71 18.09 -1.09
CA HIS B 299 -36.08 17.93 -0.62
C HIS B 299 -37.12 18.07 -1.76
N LYS B 300 -36.91 19.02 -2.66
CA LYS B 300 -37.83 19.25 -3.79
C LYS B 300 -37.56 18.42 -5.06
N SER B 301 -36.59 17.51 -5.00
CA SER B 301 -36.36 16.61 -6.13
C SER B 301 -37.53 15.65 -6.30
N TYR B 302 -37.96 15.49 -7.55
CA TYR B 302 -38.91 14.47 -7.92
C TYR B 302 -38.13 13.22 -8.35
N ILE B 303 -38.44 12.08 -7.73
CA ILE B 303 -37.66 10.86 -7.92
C ILE B 303 -38.43 9.84 -8.76
N GLU B 304 -37.99 9.66 -10.00
CA GLU B 304 -38.50 8.61 -10.89
C GLU B 304 -37.33 7.93 -11.61
N ALA B 305 -37.63 6.82 -12.28
CA ALA B 305 -36.60 5.93 -12.81
C ALA B 305 -35.51 6.68 -13.56
N ILE B 306 -34.26 6.39 -13.21
CA ILE B 306 -33.09 6.97 -13.89
C ILE B 306 -33.00 6.41 -15.31
N PRO B 307 -32.69 7.27 -16.30
CA PRO B 307 -32.56 6.77 -17.68
C PRO B 307 -31.55 5.62 -17.82
N GLY B 308 -31.92 4.60 -18.57
CA GLY B 308 -31.10 3.40 -18.75
C GLY B 308 -31.27 2.33 -17.68
N THR B 309 -32.21 2.52 -16.75
CA THR B 309 -32.53 1.48 -15.76
C THR B 309 -33.79 0.72 -16.17
N TYR B 310 -34.35 1.09 -17.33
CA TYR B 310 -35.50 0.41 -17.91
C TYR B 310 -35.43 0.53 -19.44
N ALA B 311 -35.59 -0.58 -20.15
CA ALA B 311 -35.62 -0.56 -21.61
C ALA B 311 -36.97 0.00 -22.08
N ALA B 312 -38.04 -0.40 -21.41
CA ALA B 312 -39.40 -0.02 -21.77
C ALA B 312 -40.16 0.56 -20.58
N GLU B 313 -41.28 1.22 -20.88
CA GLU B 313 -42.11 1.84 -19.86
C GLU B 313 -42.71 0.83 -18.89
N SER B 314 -43.11 -0.33 -19.41
CA SER B 314 -43.70 -1.39 -18.57
C SER B 314 -42.71 -1.95 -17.54
N GLU B 315 -41.42 -1.70 -17.74
CA GLU B 315 -40.39 -2.11 -16.78
C GLU B 315 -40.24 -1.16 -15.59
N ARG B 316 -40.89 0.00 -15.62
CA ARG B 316 -40.86 0.91 -14.48
C ARG B 316 -41.65 0.33 -13.32
N LYS B 317 -40.97 0.01 -12.23
CA LYS B 317 -41.61 -0.64 -11.10
C LYS B 317 -42.37 0.32 -10.16
N TYR B 318 -42.02 1.59 -10.15
CA TYR B 318 -42.51 2.51 -9.12
C TYR B 318 -43.02 3.83 -9.65
N GLU B 319 -44.02 4.39 -8.96
CA GLU B 319 -44.48 5.74 -9.22
C GLU B 319 -43.46 6.75 -8.72
N GLY B 320 -43.44 7.90 -9.39
CA GLY B 320 -42.63 9.02 -8.95
C GLY B 320 -43.08 9.53 -7.60
N ILE B 321 -42.12 9.99 -6.81
CA ILE B 321 -42.40 10.61 -5.52
C ILE B 321 -41.47 11.79 -5.31
N ASN B 322 -41.93 12.72 -4.50
CA ASN B 322 -41.10 13.80 -4.01
C ASN B 322 -40.16 13.27 -2.94
N SER B 323 -38.88 13.61 -3.04
CA SER B 323 -37.86 13.12 -2.11
C SER B 323 -38.13 13.49 -0.66
N GLY B 324 -38.35 14.79 -0.42
CA GLY B 324 -38.61 15.29 0.93
C GLY B 324 -39.78 14.59 1.59
N LYS B 325 -40.87 14.46 0.86
CA LYS B 325 -42.09 13.82 1.36
C LYS B 325 -41.86 12.35 1.69
N TYR B 326 -41.25 11.64 0.75
CA TYR B 326 -40.92 10.23 0.94
C TYR B 326 -40.15 10.02 2.23
N LEU B 327 -39.16 10.87 2.48
CA LEU B 327 -38.28 10.68 3.62
C LEU B 327 -38.92 11.08 4.94
N VAL B 328 -39.75 12.13 4.95
CA VAL B 328 -40.45 12.51 6.19
C VAL B 328 -41.42 11.40 6.61
N GLN B 329 -42.10 10.81 5.63
CA GLN B 329 -42.97 9.65 5.88
C GLN B 329 -42.22 8.47 6.50
N ARG B 330 -41.07 8.11 5.94
CA ARG B 330 -40.29 7.00 6.48
C ARG B 330 -39.90 7.29 7.94
N LEU B 331 -39.36 8.47 8.19
CA LEU B 331 -38.96 8.86 9.56
C LEU B 331 -40.12 9.01 10.52
N ALA B 332 -41.23 9.58 10.06
CA ALA B 332 -42.36 9.84 10.96
C ALA B 332 -43.18 8.60 11.32
N ALA B 333 -43.22 7.63 10.41
CA ALA B 333 -44.09 6.44 10.54
C ALA B 333 -44.12 5.85 11.95
N MET C 3 -2.07 6.14 4.77
CA MET C 3 -0.80 5.56 5.31
C MET C 3 0.04 4.88 4.23
N GLU C 4 -0.57 3.95 3.48
CA GLU C 4 0.15 3.16 2.48
C GLU C 4 0.26 3.91 1.16
N LYS C 5 1.48 4.07 0.68
CA LYS C 5 1.73 4.73 -0.60
C LYS C 5 2.58 3.86 -1.52
N ALA C 6 2.29 3.94 -2.82
CA ALA C 6 2.97 3.11 -3.82
C ALA C 6 3.77 3.97 -4.81
N ALA C 7 5.03 3.63 -4.99
CA ALA C 7 5.81 4.20 -6.09
C ALA C 7 5.32 3.67 -7.44
N VAL C 8 4.88 2.40 -7.46
CA VAL C 8 4.39 1.75 -8.69
C VAL C 8 3.18 0.88 -8.33
N ASN C 9 2.14 0.92 -9.16
CA ASN C 9 0.94 0.11 -8.93
C ASN C 9 0.22 -0.22 -10.24
N GLU C 10 0.56 -1.35 -10.83
CA GLU C 10 0.02 -1.70 -12.14
C GLU C 10 0.19 -3.19 -12.42
N ASP C 11 -0.84 -3.79 -13.03
CA ASP C 11 -0.80 -5.20 -13.46
C ASP C 11 -0.47 -6.18 -12.34
N GLY C 12 -0.85 -5.83 -11.11
CA GLY C 12 -0.59 -6.68 -9.94
C GLY C 12 0.73 -6.38 -9.25
N LEU C 13 1.55 -5.54 -9.85
CA LEU C 13 2.83 -5.14 -9.27
C LEU C 13 2.63 -3.91 -8.41
N VAL C 14 2.93 -4.03 -7.12
CA VAL C 14 2.81 -2.91 -6.19
C VAL C 14 4.16 -2.69 -5.53
N ILE C 15 4.83 -1.58 -5.86
CA ILE C 15 6.11 -1.26 -5.21
C ILE C 15 5.85 -0.13 -4.23
N PRO C 16 5.98 -0.41 -2.92
CA PRO C 16 5.64 0.64 -1.98
C PRO C 16 6.72 1.72 -1.94
N LEU C 17 6.33 2.90 -1.51
CA LEU C 17 7.26 3.99 -1.21
C LEU C 17 7.30 4.11 0.30
N ILE C 18 8.46 3.87 0.91
CA ILE C 18 8.56 3.75 2.35
C ILE C 18 9.57 4.77 2.92
N ASP C 19 9.16 5.44 3.99
CA ASP C 19 10.04 6.37 4.69
C ASP C 19 10.95 5.60 5.67
N PHE C 20 12.21 5.45 5.32
CA PHE C 20 13.14 4.63 6.09
C PHE C 20 13.50 5.20 7.47
N SER C 21 13.43 6.53 7.61
CA SER C 21 13.72 7.17 8.90
C SER C 21 12.72 6.71 9.96
N LYS C 22 11.51 6.35 9.53
CA LYS C 22 10.53 5.76 10.44
C LYS C 22 10.99 4.43 11.04
N PHE C 23 11.77 3.67 10.30
CA PHE C 23 12.38 2.46 10.86
C PHE C 23 13.56 2.80 11.77
N LEU C 24 14.48 3.62 11.28
CA LEU C 24 15.68 3.98 12.05
C LEU C 24 15.40 4.81 13.32
N GLU C 25 14.40 5.68 13.27
CA GLU C 25 14.16 6.62 14.38
C GLU C 25 12.84 6.40 15.15
N GLY C 26 11.95 5.56 14.63
CA GLY C 26 10.61 5.43 15.22
C GLY C 26 10.58 4.69 16.56
N ASP C 27 9.51 4.90 17.32
CA ASP C 27 9.26 4.07 18.50
C ASP C 27 8.99 2.66 18.01
N GLU C 28 8.92 1.70 18.93
CA GLU C 28 8.84 0.30 18.55
C GLU C 28 7.60 0.00 17.70
N THR C 29 6.49 0.68 17.98
CA THR C 29 5.28 0.54 17.16
C THR C 29 5.53 1.00 15.72
N LEU C 30 6.05 2.21 15.57
CA LEU C 30 6.32 2.78 14.25
C LEU C 30 7.40 1.98 13.53
N LYS C 31 8.43 1.60 14.28
CA LYS C 31 9.52 0.77 13.76
C LYS C 31 9.00 -0.55 13.16
N LEU C 32 8.17 -1.25 13.94
CA LEU C 32 7.61 -2.52 13.51
C LEU C 32 6.71 -2.38 12.28
N GLU C 33 5.85 -1.36 12.29
CA GLU C 33 4.98 -1.05 11.15
C GLU C 33 5.81 -0.84 9.87
N THR C 34 6.88 -0.08 9.98
CA THR C 34 7.73 0.21 8.82
C THR C 34 8.48 -1.03 8.34
N ALA C 35 9.00 -1.82 9.28
CA ALA C 35 9.73 -3.03 8.98
C ALA C 35 8.82 -4.05 8.26
N LYS C 36 7.57 -4.17 8.73
CA LYS C 36 6.58 -5.05 8.08
C LYS C 36 6.23 -4.59 6.67
N ALA C 37 6.09 -3.28 6.48
CA ALA C 37 5.84 -2.73 5.15
C ALA C 37 7.00 -3.02 4.20
N ILE C 38 8.23 -2.88 4.67
CA ILE C 38 9.42 -3.21 3.89
C ILE C 38 9.44 -4.70 3.50
N LEU C 39 9.26 -5.57 4.48
CA LEU C 39 9.28 -7.00 4.23
C LEU C 39 8.14 -7.36 3.27
N HIS C 40 6.96 -6.79 3.48
CA HIS C 40 5.81 -7.07 2.62
C HIS C 40 6.13 -6.72 1.16
N GLY C 41 6.83 -5.61 0.95
CA GLY C 41 7.30 -5.25 -0.38
C GLY C 41 8.20 -6.33 -0.98
N PHE C 42 9.15 -6.80 -0.17
CA PHE C 42 10.07 -7.83 -0.64
C PHE C 42 9.33 -9.14 -0.91
N GLN C 43 8.26 -9.42 -0.17
CA GLN C 43 7.53 -10.65 -0.29
C GLN C 43 6.59 -10.70 -1.48
N THR C 44 6.36 -9.55 -2.11
CA THR C 44 5.34 -9.43 -3.15
C THR C 44 5.98 -8.94 -4.43
N ALA C 45 6.45 -7.69 -4.43
CA ALA C 45 7.06 -7.11 -5.61
C ALA C 45 8.51 -7.54 -5.79
N GLY C 46 9.18 -7.85 -4.69
CA GLY C 46 10.63 -8.04 -4.70
C GLY C 46 11.38 -6.71 -4.77
N PHE C 47 10.64 -5.61 -4.83
CA PHE C 47 11.17 -4.25 -4.96
C PHE C 47 10.45 -3.32 -3.98
N ILE C 48 11.19 -2.34 -3.46
CA ILE C 48 10.62 -1.20 -2.73
C ILE C 48 11.39 0.08 -3.11
N TYR C 49 10.80 1.23 -2.82
CA TYR C 49 11.49 2.51 -2.86
C TYR C 49 11.63 2.98 -1.43
N LEU C 50 12.83 3.40 -1.04
CA LEU C 50 13.05 4.01 0.27
C LEU C 50 13.35 5.50 0.11
N LYS C 51 12.65 6.33 0.87
CA LYS C 51 12.98 7.75 0.99
C LYS C 51 13.52 8.04 2.40
N ASN C 52 14.05 9.24 2.59
CA ASN C 52 14.65 9.66 3.87
C ASN C 52 15.64 8.65 4.45
N ILE C 53 16.60 8.25 3.63
CA ILE C 53 17.72 7.39 4.04
C ILE C 53 18.89 8.24 4.52
N PRO C 54 19.76 7.67 5.36
CA PRO C 54 20.84 8.44 5.97
C PRO C 54 21.83 9.05 4.98
N ILE C 55 22.00 8.41 3.83
CA ILE C 55 22.89 8.94 2.79
C ILE C 55 22.27 10.24 2.30
N GLN C 56 22.94 11.35 2.54
CA GLN C 56 22.41 12.67 2.22
C GLN C 56 22.46 12.96 0.72
N PRO C 57 21.46 13.69 0.19
CA PRO C 57 21.38 14.10 -1.21
C PRO C 57 22.60 14.83 -1.79
N ASP C 58 23.23 15.70 -1.00
CA ASP C 58 24.38 16.45 -1.51
C ASP C 58 25.59 15.53 -1.75
N PHE C 59 25.80 14.56 -0.86
CA PHE C 59 26.87 13.57 -1.08
C PHE C 59 26.52 12.64 -2.27
N ARG C 60 25.25 12.24 -2.37
CA ARG C 60 24.80 11.44 -3.51
C ARG C 60 25.09 12.15 -4.83
N GLU C 61 24.73 13.44 -4.90
CA GLU C 61 24.99 14.25 -6.09
C GLU C 61 26.49 14.35 -6.40
N HIS C 62 27.29 14.54 -5.35
CA HIS C 62 28.74 14.53 -5.47
C HIS C 62 29.26 13.17 -5.99
N VAL C 63 28.67 12.07 -5.50
CA VAL C 63 29.06 10.75 -5.99
C VAL C 63 28.70 10.58 -7.48
N PHE C 64 27.50 11.00 -7.88
CA PHE C 64 27.11 10.98 -9.31
C PHE C 64 28.02 11.87 -10.18
N ASN C 65 28.41 13.03 -9.66
CA ASN C 65 29.32 13.93 -10.39
C ASN C 65 30.66 13.27 -10.60
N THR C 66 31.13 12.58 -9.57
CA THR C 66 32.43 11.90 -9.61
C THR C 66 32.45 10.71 -10.57
N SER C 67 31.32 9.99 -10.64
CA SER C 67 31.16 8.90 -11.61
C SER C 67 31.24 9.43 -13.03
N ALA C 68 30.48 10.49 -13.29
CA ALA C 68 30.43 11.11 -14.61
C ALA C 68 31.82 11.58 -15.09
N LYS C 69 32.65 12.06 -14.16
CA LYS C 69 34.01 12.48 -14.47
C LYS C 69 34.82 11.29 -14.95
N PHE C 70 34.67 10.15 -14.27
CA PHE C 70 35.38 8.93 -14.67
C PHE C 70 34.99 8.48 -16.08
N PHE C 71 33.69 8.46 -16.36
CA PHE C 71 33.21 7.98 -17.65
C PHE C 71 33.52 8.93 -18.80
N LYS C 72 33.77 10.21 -18.48
CA LYS C 72 34.25 11.20 -19.45
C LYS C 72 35.68 10.91 -19.95
N LEU C 73 36.46 10.15 -19.17
CA LEU C 73 37.80 9.71 -19.61
C LEU C 73 37.78 9.03 -20.98
N PRO C 74 38.87 9.18 -21.76
CA PRO C 74 38.95 8.50 -23.06
C PRO C 74 39.07 6.98 -22.89
N LYS C 75 38.52 6.24 -23.83
CA LYS C 75 38.35 4.79 -23.69
C LYS C 75 39.61 4.05 -23.21
N GLU C 76 40.77 4.41 -23.74
CA GLU C 76 42.00 3.67 -23.42
C GLU C 76 42.46 3.87 -21.97
N LYS C 77 42.16 5.05 -21.41
CA LYS C 77 42.35 5.27 -19.96
C LYS C 77 41.41 4.36 -19.16
N LYS C 78 40.17 4.22 -19.64
CA LYS C 78 39.20 3.36 -18.98
C LYS C 78 39.58 1.87 -19.11
N LEU C 79 40.07 1.47 -20.27
CA LEU C 79 40.52 0.09 -20.49
C LEU C 79 41.74 -0.29 -19.63
N GLU C 80 42.55 0.70 -19.23
CA GLU C 80 43.71 0.44 -18.35
C GLU C 80 43.35 -0.01 -16.93
N VAL C 81 42.09 0.16 -16.56
CA VAL C 81 41.57 -0.35 -15.28
C VAL C 81 40.41 -1.32 -15.53
N GLY C 82 40.55 -2.12 -16.58
CA GLY C 82 39.49 -3.02 -17.05
C GLY C 82 39.51 -4.41 -16.44
N ASN C 89 35.90 -9.63 -10.12
CA ASN C 89 34.70 -8.83 -10.38
C ASN C 89 34.92 -7.35 -10.01
N ARG C 90 35.97 -6.78 -10.58
CA ARG C 90 36.33 -5.39 -10.32
C ARG C 90 36.89 -4.76 -11.59
N GLY C 91 36.69 -3.45 -11.73
CA GLY C 91 37.25 -2.69 -12.84
C GLY C 91 36.23 -2.21 -13.85
N TYR C 92 36.75 -1.64 -14.93
CA TYR C 92 35.92 -1.10 -16.00
C TYR C 92 35.48 -2.22 -16.93
N SER C 93 34.28 -2.06 -17.48
CA SER C 93 33.75 -3.00 -18.44
C SER C 93 32.78 -2.30 -19.38
N ALA C 94 32.60 -2.90 -20.56
CA ALA C 94 31.73 -2.36 -21.60
C ALA C 94 31.25 -3.47 -22.52
N PRO C 95 29.91 -3.74 -22.56
CA PRO C 95 29.43 -4.72 -23.53
C PRO C 95 29.76 -4.34 -24.97
N GLY C 96 30.20 -5.31 -25.75
CA GLY C 96 30.53 -5.10 -27.15
C GLY C 96 30.09 -6.27 -28.00
N ARG C 97 30.18 -6.10 -29.32
CA ARG C 97 29.82 -7.15 -30.26
C ARG C 97 30.98 -8.12 -30.44
N GLU C 98 30.66 -9.41 -30.57
CA GLU C 98 31.65 -10.44 -30.89
C GLU C 98 32.40 -10.05 -32.17
N LYS C 99 33.72 -10.18 -32.15
CA LYS C 99 34.54 -9.94 -33.35
C LYS C 99 34.21 -10.95 -34.45
N VAL C 100 33.99 -10.45 -35.66
CA VAL C 100 33.84 -11.29 -36.85
C VAL C 100 35.22 -11.55 -37.42
N THR C 101 35.55 -12.83 -37.64
CA THR C 101 36.82 -13.24 -38.22
C THR C 101 36.58 -14.17 -39.41
N GLN C 102 37.67 -14.63 -40.00
CA GLN C 102 37.61 -15.63 -41.08
C GLN C 102 37.03 -16.98 -40.64
N LEU C 103 36.98 -17.22 -39.33
CA LEU C 103 36.42 -18.44 -38.76
C LEU C 103 34.93 -18.30 -38.39
N THR C 104 34.41 -17.08 -38.45
CA THR C 104 33.03 -16.81 -38.05
C THR C 104 32.06 -17.48 -39.03
N ASP C 105 31.26 -18.42 -38.53
CA ASP C 105 30.37 -19.22 -39.37
C ASP C 105 28.97 -18.60 -39.42
N PRO C 106 28.10 -19.08 -40.34
CA PRO C 106 26.77 -18.46 -40.54
C PRO C 106 25.93 -18.29 -39.28
N ALA C 107 25.93 -19.31 -38.41
CA ALA C 107 25.22 -19.19 -37.14
C ALA C 107 25.74 -18.03 -36.32
N GLU C 108 27.06 -17.94 -36.16
CA GLU C 108 27.68 -16.87 -35.37
C GLU C 108 27.31 -15.50 -35.90
N ILE C 109 27.39 -15.34 -37.23
CA ILE C 109 27.04 -14.10 -37.90
C ILE C 109 25.59 -13.68 -37.63
N GLU C 110 24.69 -14.65 -37.63
CA GLU C 110 23.27 -14.40 -37.34
C GLU C 110 23.09 -13.85 -35.91
N LYS C 111 23.82 -14.43 -34.95
CA LYS C 111 23.79 -13.96 -33.56
C LYS C 111 24.30 -12.53 -33.46
N ILE C 112 25.42 -12.27 -34.11
CA ILE C 112 26.06 -10.95 -34.08
C ILE C 112 25.20 -9.87 -34.74
N ARG C 113 24.62 -10.19 -35.89
CA ARG C 113 23.69 -9.27 -36.56
C ARG C 113 22.41 -9.04 -35.76
N SER C 114 21.95 -10.06 -35.03
CA SER C 114 20.66 -9.99 -34.35
C SER C 114 20.78 -9.33 -32.98
N ALA C 115 21.66 -9.87 -32.13
CA ALA C 115 21.80 -9.43 -30.75
C ALA C 115 22.52 -8.09 -30.65
N ALA C 116 21.75 -7.02 -30.40
CA ALA C 116 22.33 -5.70 -30.18
C ALA C 116 22.75 -5.58 -28.72
N PRO C 117 24.02 -5.18 -28.48
CA PRO C 117 24.51 -5.16 -27.11
C PRO C 117 23.98 -3.98 -26.28
N ASP C 118 23.85 -4.18 -24.98
CA ASP C 118 23.41 -3.15 -24.05
C ASP C 118 24.25 -1.88 -24.23
N ILE C 119 23.58 -0.74 -24.41
CA ILE C 119 24.28 0.52 -24.62
C ILE C 119 24.65 1.12 -23.26
N LYS C 120 25.72 0.57 -22.68
CA LYS C 120 26.13 0.95 -21.34
C LYS C 120 27.60 0.65 -21.09
N GLU C 121 28.14 1.28 -20.06
CA GLU C 121 29.46 0.94 -19.56
C GLU C 121 29.41 1.00 -18.03
N SER C 122 30.34 0.31 -17.39
CA SER C 122 30.36 0.27 -15.93
C SER C 122 31.75 0.16 -15.33
N TYR C 123 31.81 0.40 -14.02
CA TYR C 123 33.02 0.32 -13.25
C TYR C 123 32.68 -0.22 -11.87
N GLU C 124 33.29 -1.35 -11.52
CA GLU C 124 32.97 -2.04 -10.28
C GLU C 124 34.09 -1.96 -9.26
N ILE C 125 33.68 -1.76 -8.01
CA ILE C 125 34.55 -1.59 -6.87
C ILE C 125 34.10 -2.55 -5.78
N GLY C 126 35.05 -3.29 -5.21
CA GLY C 126 34.78 -4.15 -4.07
C GLY C 126 35.39 -3.54 -2.81
N ARG C 127 35.39 -4.33 -1.73
CA ARG C 127 35.98 -3.86 -0.49
C ARG C 127 37.49 -3.79 -0.66
N GLU C 128 38.13 -2.90 0.10
CA GLU C 128 39.56 -2.62 -0.09
C GLU C 128 40.48 -3.69 0.50
N ASP C 129 39.98 -4.48 1.45
CA ASP C 129 40.85 -5.37 2.25
C ASP C 129 40.78 -6.86 1.86
N GLU C 130 40.32 -7.15 0.66
CA GLU C 130 40.13 -8.53 0.23
C GLU C 130 41.42 -9.10 -0.35
N PRO C 131 42.05 -10.06 0.35
CA PRO C 131 43.34 -10.58 -0.12
C PRO C 131 43.25 -11.14 -1.53
N GLY C 132 44.22 -10.78 -2.37
CA GLY C 132 44.26 -11.24 -3.76
C GLY C 132 43.31 -10.56 -4.72
N HIS C 133 42.48 -9.64 -4.23
CA HIS C 133 41.47 -8.97 -5.06
C HIS C 133 41.46 -7.47 -4.83
N PRO C 134 42.54 -6.77 -5.23
CA PRO C 134 42.57 -5.33 -5.04
C PRO C 134 41.71 -4.63 -6.08
N ASN C 135 41.29 -3.40 -5.77
CA ASN C 135 40.59 -2.56 -6.74
C ASN C 135 41.55 -1.86 -7.68
N PRO C 136 41.25 -1.83 -9.01
CA PRO C 136 42.09 -1.12 -9.97
C PRO C 136 41.67 0.34 -10.10
N TRP C 137 42.19 1.17 -9.21
CA TRP C 137 41.86 2.58 -9.21
C TRP C 137 42.49 3.33 -10.37
N PRO C 138 41.79 4.34 -10.91
CA PRO C 138 42.41 5.16 -11.94
C PRO C 138 43.45 6.12 -11.35
N ALA C 139 44.38 6.57 -12.19
CA ALA C 139 45.34 7.60 -11.78
C ALA C 139 44.58 8.82 -11.27
N GLU C 140 44.85 9.20 -10.02
CA GLU C 140 44.20 10.34 -9.40
C GLU C 140 44.79 11.60 -9.99
N GLN C 141 44.24 12.02 -11.13
CA GLN C 141 44.79 13.16 -11.87
C GLN C 141 43.75 14.10 -12.44
N ASP C 142 43.95 15.40 -12.17
CA ASP C 142 43.07 16.44 -12.64
C ASP C 142 41.69 15.90 -12.12
N ASP C 143 40.67 15.95 -12.94
CA ASP C 143 39.30 15.62 -12.53
C ASP C 143 39.09 14.44 -11.56
N LEU C 144 40.04 13.51 -11.54
CA LEU C 144 39.87 12.28 -10.76
C LEU C 144 40.41 12.33 -9.32
N VAL C 145 40.86 13.50 -8.89
CA VAL C 145 41.31 13.67 -7.51
C VAL C 145 40.13 13.47 -6.56
N GLY C 146 40.30 12.61 -5.56
CA GLY C 146 39.22 12.28 -4.63
C GLY C 146 38.24 11.22 -5.13
N PHE C 147 38.52 10.63 -6.30
CA PHE C 147 37.66 9.56 -6.84
C PHE C 147 37.65 8.39 -5.86
N LYS C 148 38.84 7.92 -5.50
CA LYS C 148 38.98 6.78 -4.61
C LYS C 148 38.35 7.05 -3.25
N SER C 149 38.71 8.17 -2.62
CA SER C 149 38.15 8.48 -1.30
C SER C 149 36.63 8.63 -1.36
N THR C 150 36.13 9.24 -2.43
CA THR C 150 34.69 9.41 -2.62
C THR C 150 34.00 8.07 -2.73
N MET C 151 34.48 7.20 -3.61
CA MET C 151 33.84 5.92 -3.86
C MET C 151 33.99 4.96 -2.68
N ASN C 152 35.15 4.96 -2.02
CA ASN C 152 35.32 4.19 -0.79
C ASN C 152 34.34 4.61 0.30
N ASN C 153 34.12 5.93 0.43
CA ASN C 153 33.17 6.38 1.45
C ASN C 153 31.73 5.98 1.11
N PHE C 154 31.35 6.14 -0.16
CA PHE C 154 30.02 5.72 -0.62
C PHE C 154 29.83 4.22 -0.43
N PHE C 155 30.86 3.44 -0.77
CA PHE C 155 30.88 2.00 -0.51
C PHE C 155 30.52 1.71 0.95
N ASP C 156 31.17 2.41 1.88
CA ASP C 156 30.95 2.18 3.31
C ASP C 156 29.57 2.67 3.80
N GLN C 157 29.09 3.78 3.26
CA GLN C 157 27.75 4.25 3.60
C GLN C 157 26.65 3.28 3.08
N CYS C 158 26.89 2.68 1.93
CA CYS C 158 25.98 1.66 1.39
C CYS C 158 26.04 0.36 2.20
N LYS C 159 27.25 0.00 2.62
CA LYS C 159 27.46 -1.14 3.54
C LYS C 159 26.59 -1.02 4.82
N ALA C 160 26.56 0.17 5.39
CA ALA C 160 25.76 0.45 6.59
C ALA C 160 24.27 0.35 6.30
N LEU C 161 23.87 0.89 5.15
CA LEU C 161 22.48 0.86 4.73
C LEU C 161 22.03 -0.59 4.50
N HIS C 162 22.90 -1.42 3.92
CA HIS C 162 22.62 -2.86 3.75
C HIS C 162 22.30 -3.50 5.07
N ILE C 163 23.18 -3.31 6.04
CA ILE C 163 22.99 -3.85 7.38
C ILE C 163 21.62 -3.45 7.95
N GLU C 164 21.22 -2.20 7.73
CA GLU C 164 19.97 -1.70 8.31
C GLU C 164 18.73 -2.25 7.60
N VAL C 165 18.81 -2.40 6.27
CA VAL C 165 17.72 -3.01 5.50
C VAL C 165 17.50 -4.43 6.00
N MET C 166 18.59 -5.14 6.28
CA MET C 166 18.49 -6.51 6.75
C MET C 166 17.89 -6.60 8.15
N ARG C 167 18.17 -5.62 9.00
CA ARG C 167 17.55 -5.55 10.32
C ARG C 167 16.06 -5.26 10.20
N ALA C 168 15.69 -4.44 9.22
CA ALA C 168 14.27 -4.22 8.95
C ALA C 168 13.59 -5.53 8.52
N ILE C 169 14.27 -6.32 7.70
CA ILE C 169 13.73 -7.63 7.30
C ILE C 169 13.56 -8.52 8.53
N ALA C 170 14.58 -8.58 9.37
CA ALA C 170 14.52 -9.36 10.62
C ALA C 170 13.33 -8.96 11.50
N VAL C 171 13.17 -7.65 11.73
CA VAL C 171 12.09 -7.15 12.61
C VAL C 171 10.76 -7.44 11.95
N GLY C 172 10.67 -7.22 10.65
CA GLY C 172 9.47 -7.60 9.89
C GLY C 172 9.12 -9.08 10.03
N MET C 173 10.15 -9.93 10.06
CA MET C 173 9.96 -11.38 10.21
C MET C 173 9.65 -11.81 11.64
N GLY C 174 9.84 -10.91 12.61
CA GLY C 174 9.60 -11.24 14.02
C GLY C 174 10.74 -12.00 14.69
N ILE C 175 11.95 -11.93 14.13
CA ILE C 175 13.13 -12.58 14.72
C ILE C 175 14.05 -11.50 15.31
N ASP C 176 15.16 -11.91 15.91
CA ASP C 176 16.09 -10.91 16.50
C ASP C 176 16.49 -9.89 15.46
N ALA C 177 16.37 -8.61 15.81
CA ALA C 177 16.67 -7.51 14.90
C ALA C 177 18.07 -7.64 14.30
N ASN C 178 19.01 -8.19 15.06
CA ASN C 178 20.40 -8.34 14.62
C ASN C 178 20.75 -9.71 14.03
N TYR C 179 19.74 -10.49 13.69
CA TYR C 179 19.95 -11.85 13.20
C TYR C 179 20.94 -11.95 12.03
N PHE C 180 20.85 -11.01 11.10
CA PHE C 180 21.66 -11.07 9.87
C PHE C 180 23.06 -10.47 10.01
N ASP C 181 23.31 -9.69 11.07
CA ASP C 181 24.60 -8.99 11.24
C ASP C 181 25.79 -9.90 10.95
N SER C 182 25.85 -11.06 11.60
CA SER C 182 26.98 -11.98 11.47
C SER C 182 27.03 -12.70 10.12
N PHE C 183 25.94 -12.65 9.36
CA PHE C 183 25.94 -13.20 8.00
C PHE C 183 26.47 -12.21 6.97
N VAL C 184 26.47 -10.93 7.29
CA VAL C 184 26.77 -9.90 6.31
C VAL C 184 27.86 -8.89 6.72
N ASP C 185 28.49 -9.09 7.87
CA ASP C 185 29.39 -8.08 8.45
C ASP C 185 30.74 -7.87 7.74
N VAL C 186 31.17 -8.83 6.91
CA VAL C 186 32.39 -8.67 6.13
C VAL C 186 32.21 -7.60 5.03
N GLY C 187 31.01 -7.53 4.44
CA GLY C 187 30.76 -6.57 3.37
C GLY C 187 31.34 -7.02 2.04
N ASP C 188 31.12 -8.29 1.71
CA ASP C 188 31.52 -8.84 0.41
C ASP C 188 30.54 -8.33 -0.66
N ASN C 189 30.65 -7.03 -0.94
CA ASN C 189 29.69 -6.32 -1.76
C ASN C 189 30.39 -5.70 -2.97
N ILE C 190 29.59 -5.31 -3.96
CA ILE C 190 30.11 -4.67 -5.15
C ILE C 190 29.36 -3.38 -5.41
N LEU C 191 30.12 -2.30 -5.52
CA LEU C 191 29.60 -1.01 -5.96
C LEU C 191 29.80 -0.94 -7.48
N ARG C 192 28.71 -0.77 -8.21
CA ARG C 192 28.75 -0.68 -9.67
C ARG C 192 28.28 0.69 -10.13
N LEU C 193 29.20 1.48 -10.69
CA LEU C 193 28.84 2.75 -11.33
C LEU C 193 28.39 2.48 -12.77
N LEU C 194 27.23 3.02 -13.15
CA LEU C 194 26.71 2.81 -14.50
C LEU C 194 26.53 4.10 -15.28
N HIS C 195 26.97 4.08 -16.54
CA HIS C 195 26.74 5.17 -17.47
C HIS C 195 26.10 4.63 -18.73
N TYR C 196 24.93 5.17 -19.07
CA TYR C 196 24.26 4.80 -20.30
C TYR C 196 24.34 6.02 -21.22
N PRO C 197 25.21 5.97 -22.24
CA PRO C 197 25.45 7.17 -23.06
C PRO C 197 24.21 7.74 -23.72
N ALA C 198 24.28 9.01 -24.08
CA ALA C 198 23.27 9.66 -24.90
C ALA C 198 23.01 8.80 -26.13
N VAL C 199 21.76 8.79 -26.60
CA VAL C 199 21.38 7.91 -27.70
C VAL C 199 20.14 8.42 -28.42
N LYS C 200 20.18 8.40 -29.75
CA LYS C 200 19.02 8.74 -30.58
C LYS C 200 17.97 7.64 -30.45
N SER C 201 16.71 8.07 -30.38
CA SER C 201 15.59 7.12 -30.33
C SER C 201 15.57 6.22 -31.58
N GLU C 202 16.04 6.77 -32.70
CA GLU C 202 16.15 6.01 -33.95
C GLU C 202 16.97 4.71 -33.79
N VAL C 203 17.98 4.74 -32.92
CA VAL C 203 18.80 3.55 -32.67
C VAL C 203 17.91 2.37 -32.31
N PHE C 204 16.91 2.64 -31.48
CA PHE C 204 15.98 1.60 -31.01
C PHE C 204 15.03 1.14 -32.12
N LYS C 205 14.63 2.05 -33.00
CA LYS C 205 13.84 1.67 -34.18
C LYS C 205 14.67 0.79 -35.14
N ILE C 206 15.94 1.14 -35.30
CA ILE C 206 16.84 0.40 -36.18
C ILE C 206 17.18 -0.98 -35.61
N ASN C 207 17.95 -1.02 -34.52
CA ASN C 207 18.34 -2.28 -33.89
C ASN C 207 17.16 -2.90 -33.17
N PRO C 208 16.62 -4.02 -33.69
CA PRO C 208 15.46 -4.61 -33.05
C PRO C 208 15.81 -5.19 -31.69
N GLY C 209 14.95 -4.96 -30.70
CA GLY C 209 15.18 -5.46 -29.34
C GLY C 209 16.31 -4.80 -28.57
N GLN C 210 16.82 -3.67 -29.08
CA GLN C 210 17.89 -2.93 -28.41
C GLN C 210 17.38 -2.33 -27.10
N VAL C 211 18.13 -2.53 -26.03
CA VAL C 211 17.82 -1.96 -24.72
C VAL C 211 19.07 -1.36 -24.10
N ARG C 212 18.88 -0.65 -23.00
CA ARG C 212 19.99 -0.08 -22.26
C ARG C 212 20.59 -1.09 -21.28
N ALA C 213 19.75 -1.92 -20.68
CA ALA C 213 20.22 -3.03 -19.85
C ALA C 213 19.26 -4.19 -20.00
N GLY C 214 19.80 -5.33 -20.43
CA GLY C 214 18.99 -6.52 -20.69
C GLY C 214 18.30 -7.02 -19.43
N GLU C 215 17.19 -7.72 -19.62
CA GLU C 215 16.41 -8.25 -18.52
C GLU C 215 17.19 -9.31 -17.74
N HIS C 216 16.98 -9.33 -16.42
CA HIS C 216 17.70 -10.24 -15.55
C HIS C 216 17.14 -10.14 -14.14
N THR C 217 17.55 -11.07 -13.31
CA THR C 217 17.46 -10.90 -11.86
C THR C 217 18.89 -10.69 -11.37
N ASP C 218 19.04 -10.00 -10.25
CA ASP C 218 20.36 -9.88 -9.61
C ASP C 218 20.65 -11.18 -8.87
N TYR C 219 21.94 -11.50 -8.72
CA TYR C 219 22.36 -12.79 -8.19
C TYR C 219 22.43 -12.85 -6.67
N GLY C 220 22.69 -11.70 -6.04
CA GLY C 220 23.04 -11.63 -4.61
C GLY C 220 21.85 -11.53 -3.67
N SER C 221 22.03 -10.90 -2.52
CA SER C 221 20.94 -10.81 -1.54
C SER C 221 20.07 -9.58 -1.71
N ILE C 222 20.64 -8.39 -1.58
CA ILE C 222 19.91 -7.18 -1.92
C ILE C 222 20.74 -6.25 -2.78
N THR C 223 20.04 -5.44 -3.54
CA THR C 223 20.66 -4.43 -4.37
C THR C 223 20.09 -3.07 -4.00
N LEU C 224 20.97 -2.11 -3.75
CA LEU C 224 20.59 -0.71 -3.56
C LEU C 224 20.87 -0.01 -4.88
N LEU C 225 19.83 0.59 -5.46
CA LEU C 225 19.93 1.20 -6.77
C LEU C 225 19.56 2.68 -6.69
N PHE C 226 20.54 3.52 -7.01
CA PHE C 226 20.35 4.96 -7.08
C PHE C 226 20.30 5.35 -8.55
N GLN C 227 19.16 5.88 -8.99
CA GLN C 227 18.99 6.31 -10.37
C GLN C 227 18.75 7.81 -10.46
N ASP C 228 19.17 8.39 -11.57
CA ASP C 228 18.86 9.78 -11.90
C ASP C 228 17.42 9.89 -12.41
N SER C 229 17.04 11.05 -12.93
CA SER C 229 15.66 11.29 -13.32
C SER C 229 15.32 10.92 -14.78
N ARG C 230 16.26 10.34 -15.54
CA ARG C 230 16.01 10.03 -16.95
C ARG C 230 14.91 9.01 -17.18
N GLY C 231 14.84 8.00 -16.33
CA GLY C 231 13.86 6.94 -16.47
C GLY C 231 14.38 5.80 -17.32
N GLY C 232 13.53 4.79 -17.53
CA GLY C 232 13.85 3.62 -18.33
C GLY C 232 13.84 2.31 -17.57
N LEU C 233 14.02 2.36 -16.26
CA LEU C 233 13.99 1.18 -15.40
C LEU C 233 12.57 0.60 -15.42
N GLN C 234 12.48 -0.71 -15.66
CA GLN C 234 11.21 -1.41 -15.71
C GLN C 234 11.31 -2.68 -14.88
N VAL C 235 10.22 -3.02 -14.20
CA VAL C 235 10.13 -4.20 -13.35
C VAL C 235 9.01 -5.09 -13.89
N LYS C 236 9.28 -6.38 -14.00
CA LYS C 236 8.30 -7.31 -14.57
C LYS C 236 7.20 -7.62 -13.55
N SER C 237 5.96 -7.34 -13.93
CA SER C 237 4.80 -7.60 -13.10
C SER C 237 4.62 -9.11 -12.87
N PRO C 238 3.87 -9.49 -11.81
CA PRO C 238 3.58 -10.91 -11.62
C PRO C 238 2.75 -11.49 -12.78
N ASN C 239 2.18 -10.64 -13.63
CA ASN C 239 1.45 -11.11 -14.80
C ASN C 239 2.28 -11.04 -16.10
N GLY C 240 3.58 -10.82 -15.99
CA GLY C 240 4.52 -10.96 -17.10
C GLY C 240 4.69 -9.72 -17.97
N GLN C 241 4.26 -8.56 -17.49
CA GLN C 241 4.42 -7.31 -18.25
C GLN C 241 5.38 -6.37 -17.55
N PHE C 242 6.28 -5.77 -18.33
CA PHE C 242 7.24 -4.82 -17.78
C PHE C 242 6.55 -3.50 -17.46
N ILE C 243 6.76 -3.04 -16.22
CA ILE C 243 6.12 -1.84 -15.72
C ILE C 243 7.18 -0.79 -15.45
N ASP C 244 6.91 0.43 -15.90
CA ASP C 244 7.80 1.58 -15.70
C ASP C 244 8.01 1.87 -14.21
N ALA C 245 9.27 1.82 -13.77
CA ALA C 245 9.62 2.19 -12.40
C ALA C 245 10.18 3.61 -12.43
N THR C 246 9.26 4.57 -12.33
CA THR C 246 9.57 5.97 -12.53
C THR C 246 10.49 6.51 -11.44
N PRO C 247 11.49 7.34 -11.81
CA PRO C 247 12.32 7.93 -10.78
C PRO C 247 11.54 8.83 -9.84
N ILE C 248 11.80 8.70 -8.54
CA ILE C 248 11.30 9.63 -7.54
C ILE C 248 12.53 10.26 -6.91
N GLU C 249 12.53 11.58 -6.85
CA GLU C 249 13.68 12.36 -6.40
C GLU C 249 14.04 11.97 -4.96
N ASN C 250 15.34 11.82 -4.71
CA ASN C 250 15.87 11.46 -3.39
C ASN C 250 15.41 10.10 -2.82
N THR C 251 15.10 9.15 -3.69
CA THR C 251 14.79 7.78 -3.26
C THR C 251 15.89 6.79 -3.67
N VAL C 252 15.95 5.66 -2.97
CA VAL C 252 16.75 4.52 -3.39
C VAL C 252 15.79 3.39 -3.70
N VAL C 253 16.00 2.73 -4.83
CA VAL C 253 15.26 1.53 -5.16
C VAL C 253 16.04 0.34 -4.60
N VAL C 254 15.36 -0.50 -3.82
CA VAL C 254 15.96 -1.68 -3.22
C VAL C 254 15.26 -2.95 -3.70
N ASN C 255 16.04 -3.90 -4.22
CA ASN C 255 15.46 -5.18 -4.62
C ASN C 255 16.24 -6.37 -4.08
N ALA C 256 15.55 -7.50 -4.00
CA ALA C 256 16.16 -8.74 -3.56
C ALA C 256 16.72 -9.48 -4.75
N GLY C 257 17.79 -10.23 -4.52
CA GLY C 257 18.41 -11.02 -5.57
C GLY C 257 18.12 -12.49 -5.37
N ASP C 258 18.62 -13.31 -6.28
CA ASP C 258 18.36 -14.75 -6.27
C ASP C 258 18.81 -15.43 -4.98
N LEU C 259 19.91 -14.96 -4.40
CA LEU C 259 20.43 -15.60 -3.19
C LEU C 259 19.50 -15.38 -2.00
N LEU C 260 18.94 -14.18 -1.87
CA LEU C 260 17.97 -13.90 -0.82
C LEU C 260 16.64 -14.64 -1.05
N ALA C 261 16.20 -14.78 -2.30
CA ALA C 261 15.00 -15.58 -2.60
C ALA C 261 15.16 -16.98 -2.03
N ARG C 262 16.31 -17.58 -2.31
CA ARG C 262 16.61 -18.92 -1.84
C ARG C 262 16.76 -18.97 -0.31
N TRP C 263 17.51 -18.01 0.23
CA TRP C 263 17.76 -17.87 1.67
C TRP C 263 16.44 -17.79 2.43
N SER C 264 15.48 -17.07 1.84
CA SER C 264 14.17 -16.85 2.43
C SER C 264 13.17 -17.99 2.18
N ASN C 265 13.65 -19.10 1.64
CA ASN C 265 12.80 -20.22 1.24
C ASN C 265 11.70 -19.76 0.30
N ASP C 266 12.06 -18.88 -0.62
CA ASP C 266 11.14 -18.27 -1.60
C ASP C 266 9.98 -17.48 -0.97
N THR C 267 10.15 -16.98 0.24
CA THR C 267 9.14 -16.06 0.76
C THR C 267 9.39 -14.66 0.22
N ILE C 268 10.63 -14.37 -0.14
CA ILE C 268 11.00 -13.09 -0.73
C ILE C 268 11.25 -13.34 -2.20
N LYS C 269 10.89 -12.37 -3.04
CA LYS C 269 10.99 -12.53 -4.50
C LYS C 269 12.22 -11.83 -5.06
N SER C 270 12.83 -12.47 -6.07
CA SER C 270 13.85 -11.87 -6.87
C SER C 270 13.22 -11.65 -8.22
N THR C 271 12.98 -10.38 -8.56
CA THR C 271 12.11 -10.04 -9.68
C THR C 271 12.91 -9.57 -10.89
N VAL C 272 12.47 -10.01 -12.07
CA VAL C 272 13.12 -9.60 -13.32
C VAL C 272 12.92 -8.10 -13.59
N HIS C 273 14.00 -7.45 -14.00
CA HIS C 273 13.95 -6.05 -14.35
C HIS C 273 14.95 -5.73 -15.46
N ARG C 274 14.76 -4.56 -16.07
CA ARG C 274 15.59 -4.12 -17.19
C ARG C 274 15.57 -2.61 -17.29
N VAL C 275 16.41 -2.08 -18.17
CA VAL C 275 16.39 -0.66 -18.50
C VAL C 275 16.21 -0.53 -20.00
N VAL C 276 15.14 0.16 -20.40
CA VAL C 276 14.81 0.39 -21.79
C VAL C 276 14.95 1.88 -22.11
N GLU C 277 14.67 2.21 -23.36
CA GLU C 277 14.55 3.59 -23.79
C GLU C 277 13.61 4.36 -22.86
N PRO C 278 13.99 5.57 -22.44
CA PRO C 278 13.10 6.34 -21.57
C PRO C 278 11.71 6.57 -22.17
N PRO C 279 10.66 6.64 -21.33
CA PRO C 279 9.30 6.86 -21.84
C PRO C 279 9.08 8.26 -22.42
N LYS C 280 9.84 9.25 -21.94
CA LYS C 280 9.74 10.62 -22.47
C LYS C 280 10.05 10.65 -23.97
N GLN C 281 9.18 11.28 -24.75
CA GLN C 281 9.35 11.38 -26.20
C GLN C 281 10.39 12.42 -26.56
N GLU C 282 11.48 11.96 -27.19
CA GLU C 282 12.64 12.81 -27.46
C GLU C 282 13.39 12.39 -28.72
N ASP C 283 13.74 13.40 -29.50
CA ASP C 283 14.78 13.30 -30.55
C ASP C 283 15.98 12.45 -30.09
N VAL C 284 16.67 12.94 -29.07
CA VAL C 284 17.87 12.31 -28.52
C VAL C 284 17.66 12.14 -27.02
N HIS C 285 17.96 10.95 -26.50
CA HIS C 285 17.88 10.68 -25.07
C HIS C 285 19.22 10.98 -24.45
N PRO C 286 19.26 11.90 -23.46
CA PRO C 286 20.56 12.24 -22.87
C PRO C 286 21.14 11.10 -22.02
N PRO C 287 22.37 11.29 -21.51
CA PRO C 287 23.03 10.25 -20.74
C PRO C 287 22.28 9.90 -19.44
N ARG C 288 22.22 8.62 -19.13
CA ARG C 288 21.60 8.16 -17.90
C ARG C 288 22.67 7.58 -17.00
N TYR C 289 22.68 8.05 -15.76
CA TYR C 289 23.59 7.58 -14.74
C TYR C 289 22.79 6.86 -13.66
N SER C 290 23.31 5.73 -13.21
CA SER C 290 22.79 5.08 -12.03
C SER C 290 23.94 4.40 -11.32
N ILE C 291 23.70 4.06 -10.06
CA ILE C 291 24.68 3.34 -9.25
C ILE C 291 23.95 2.18 -8.57
N ALA C 292 24.45 0.97 -8.78
CA ALA C 292 23.90 -0.21 -8.14
C ALA C 292 24.91 -0.72 -7.14
N TYR C 293 24.43 -1.01 -5.93
CA TYR C 293 25.29 -1.57 -4.92
C TYR C 293 24.76 -2.95 -4.59
N PHE C 294 25.49 -3.98 -5.00
CA PHE C 294 25.08 -5.36 -4.82
C PHE C 294 25.61 -5.87 -3.49
N CYS C 295 24.68 -6.20 -2.60
CA CYS C 295 25.00 -6.72 -1.29
C CYS C 295 24.92 -8.23 -1.29
N ASN C 296 25.89 -8.87 -0.64
CA ASN C 296 25.91 -10.32 -0.52
C ASN C 296 26.19 -10.72 0.91
N PRO C 297 25.77 -11.93 1.30
CA PRO C 297 26.23 -12.44 2.59
C PRO C 297 27.74 -12.70 2.54
N ASN C 298 28.35 -12.88 3.70
CA ASN C 298 29.78 -13.22 3.75
C ASN C 298 30.09 -14.46 2.90
N HIS C 299 31.24 -14.47 2.25
CA HIS C 299 31.67 -15.61 1.43
C HIS C 299 31.57 -16.94 2.20
N LYS C 300 31.94 -16.90 3.48
CA LYS C 300 31.95 -18.09 4.32
C LYS C 300 30.57 -18.46 4.88
N SER C 301 29.57 -17.60 4.71
CA SER C 301 28.21 -17.88 5.19
C SER C 301 27.58 -19.10 4.52
N TYR C 302 26.89 -19.91 5.32
CA TYR C 302 26.12 -21.04 4.83
C TYR C 302 24.67 -20.61 4.67
N ILE C 303 24.09 -20.83 3.50
CA ILE C 303 22.75 -20.31 3.18
C ILE C 303 21.72 -21.45 3.20
N GLU C 304 20.85 -21.39 4.19
CA GLU C 304 19.73 -22.33 4.31
C GLU C 304 18.53 -21.54 4.82
N ALA C 305 17.34 -22.14 4.76
CA ALA C 305 16.10 -21.41 5.04
C ALA C 305 16.21 -20.62 6.34
N ILE C 306 15.90 -19.32 6.29
CA ILE C 306 15.94 -18.47 7.46
C ILE C 306 14.86 -18.96 8.42
N PRO C 307 15.19 -19.09 9.70
CA PRO C 307 14.17 -19.48 10.68
C PRO C 307 12.91 -18.58 10.57
N GLY C 308 11.74 -19.22 10.53
CA GLY C 308 10.48 -18.51 10.40
C GLY C 308 9.96 -18.36 8.99
N THR C 309 10.72 -18.83 8.00
CA THR C 309 10.29 -18.80 6.60
C THR C 309 9.75 -20.17 6.16
N TYR C 310 9.67 -21.10 7.10
CA TYR C 310 9.02 -22.39 6.86
C TYR C 310 8.40 -22.82 8.17
N ALA C 311 7.16 -23.29 8.09
CA ALA C 311 6.40 -23.67 9.27
C ALA C 311 6.56 -25.16 9.57
N ALA C 312 7.23 -25.88 8.66
CA ALA C 312 7.54 -27.28 8.88
C ALA C 312 8.72 -27.69 8.01
N GLU C 313 9.42 -28.73 8.43
CA GLU C 313 10.58 -29.22 7.68
C GLU C 313 10.24 -29.48 6.21
N SER C 314 9.08 -30.08 5.98
CA SER C 314 8.66 -30.42 4.61
C SER C 314 8.52 -29.21 3.68
N GLU C 315 8.40 -28.02 4.26
CA GLU C 315 8.32 -26.79 3.47
C GLU C 315 9.68 -26.25 3.02
N ARG C 316 10.78 -26.87 3.43
CA ARG C 316 12.11 -26.46 2.96
C ARG C 316 12.34 -26.85 1.52
N LYS C 317 12.63 -25.87 0.67
CA LYS C 317 12.69 -26.11 -0.77
C LYS C 317 14.10 -26.44 -1.26
N TYR C 318 15.11 -25.90 -0.59
CA TYR C 318 16.45 -25.95 -1.14
C TYR C 318 17.44 -26.57 -0.16
N GLU C 319 18.34 -27.36 -0.74
CA GLU C 319 19.55 -27.82 -0.07
C GLU C 319 20.41 -26.62 0.35
N GLY C 320 21.13 -26.75 1.46
CA GLY C 320 22.02 -25.69 1.92
C GLY C 320 23.21 -25.47 0.99
N ILE C 321 23.71 -24.24 0.92
CA ILE C 321 24.88 -23.94 0.09
C ILE C 321 25.73 -22.83 0.67
N ASN C 322 27.04 -22.92 0.45
CA ASN C 322 27.96 -21.87 0.81
C ASN C 322 27.77 -20.67 -0.09
N SER C 323 27.72 -19.48 0.50
CA SER C 323 27.44 -18.26 -0.23
C SER C 323 28.51 -17.93 -1.27
N GLY C 324 29.77 -18.00 -0.84
CA GLY C 324 30.91 -17.77 -1.73
C GLY C 324 30.93 -18.70 -2.91
N LYS C 325 30.72 -20.00 -2.66
CA LYS C 325 30.72 -20.99 -3.74
C LYS C 325 29.57 -20.75 -4.72
N TYR C 326 28.40 -20.46 -4.19
CA TYR C 326 27.24 -20.13 -5.00
C TYR C 326 27.52 -18.97 -5.96
N LEU C 327 28.03 -17.87 -5.42
CA LEU C 327 28.24 -16.65 -6.20
C LEU C 327 29.32 -16.83 -7.27
N VAL C 328 30.46 -17.41 -6.90
CA VAL C 328 31.51 -17.71 -7.90
C VAL C 328 30.98 -18.59 -9.03
N GLN C 329 30.16 -19.59 -8.70
CA GLN C 329 29.53 -20.45 -9.71
C GLN C 329 28.58 -19.68 -10.61
N ARG C 330 27.72 -18.83 -10.04
CA ARG C 330 26.81 -18.02 -10.86
C ARG C 330 27.63 -17.14 -11.81
N LEU C 331 28.71 -16.55 -11.30
CA LEU C 331 29.47 -15.56 -12.05
C LEU C 331 30.63 -16.10 -12.89
N ALA C 332 31.07 -17.33 -12.62
CA ALA C 332 32.18 -17.93 -13.40
C ALA C 332 31.79 -18.35 -14.82
N ALA C 333 30.70 -17.79 -15.35
CA ALA C 333 30.34 -17.96 -16.75
C ALA C 333 30.03 -16.59 -17.36
N MET D 3 18.63 18.23 24.90
CA MET D 3 18.29 19.05 23.70
C MET D 3 19.04 18.60 22.45
N GLU D 4 18.46 18.89 21.29
CA GLU D 4 19.01 18.47 20.01
C GLU D 4 20.21 19.34 19.64
N LYS D 5 21.02 18.84 18.70
CA LYS D 5 22.05 19.63 18.06
C LYS D 5 21.36 20.78 17.32
N ALA D 6 22.04 21.93 17.27
CA ALA D 6 21.51 23.13 16.60
C ALA D 6 21.28 22.90 15.10
N ALA D 7 20.20 23.46 14.57
CA ALA D 7 19.97 23.46 13.12
C ALA D 7 21.02 24.31 12.40
N VAL D 8 21.36 25.43 13.02
CA VAL D 8 22.33 26.36 12.44
C VAL D 8 23.18 26.90 13.58
N ASN D 9 24.49 26.94 13.36
CA ASN D 9 25.42 27.48 14.34
C ASN D 9 26.66 28.05 13.66
N GLU D 10 26.64 29.36 13.39
CA GLU D 10 27.84 30.09 12.97
C GLU D 10 27.70 31.61 13.07
N ASP D 11 28.86 32.25 13.24
CA ASP D 11 28.98 33.69 13.32
C ASP D 11 28.09 34.30 14.42
N GLY D 12 27.91 33.54 15.51
CA GLY D 12 27.05 33.96 16.62
C GLY D 12 25.56 33.64 16.47
N LEU D 13 25.14 33.18 15.31
CA LEU D 13 23.74 32.81 15.10
C LEU D 13 23.53 31.33 15.44
N VAL D 14 22.72 31.08 16.46
CA VAL D 14 22.37 29.73 16.88
C VAL D 14 20.87 29.54 16.69
N ILE D 15 20.49 28.72 15.72
CA ILE D 15 19.09 28.36 15.51
C ILE D 15 18.86 26.94 16.04
N PRO D 16 18.08 26.79 17.11
CA PRO D 16 17.96 25.46 17.70
C PRO D 16 16.97 24.60 16.92
N LEU D 17 17.12 23.28 17.07
CA LEU D 17 16.18 22.29 16.57
C LEU D 17 15.45 21.72 17.76
N ILE D 18 14.13 21.92 17.78
CA ILE D 18 13.32 21.66 18.98
C ILE D 18 12.17 20.73 18.64
N ASP D 19 11.97 19.73 19.49
CA ASP D 19 10.89 18.75 19.35
C ASP D 19 9.61 19.30 19.99
N PHE D 20 8.66 19.74 19.15
CA PHE D 20 7.47 20.43 19.65
C PHE D 20 6.50 19.52 20.39
N SER D 21 6.51 18.23 20.04
CA SER D 21 5.70 17.24 20.75
C SER D 21 6.05 17.18 22.24
N LYS D 22 7.30 17.46 22.58
CA LYS D 22 7.74 17.50 23.99
C LYS D 22 7.15 18.69 24.75
N PHE D 23 6.61 19.68 24.04
CA PHE D 23 5.87 20.78 24.68
C PHE D 23 4.40 20.44 24.82
N LEU D 24 3.82 19.81 23.80
CA LEU D 24 2.39 19.50 23.79
C LEU D 24 2.01 18.37 24.76
N GLU D 25 2.89 17.39 24.94
CA GLU D 25 2.54 16.23 25.79
C GLU D 25 3.71 15.51 26.43
N GLY D 26 4.74 16.25 26.84
CA GLY D 26 5.80 15.68 27.67
C GLY D 26 5.34 15.57 29.11
N ASP D 27 6.32 15.38 30.01
CA ASP D 27 6.08 15.63 31.44
C ASP D 27 6.28 17.12 31.69
N GLU D 28 5.75 17.59 32.82
CA GLU D 28 5.74 19.02 33.16
C GLU D 28 7.11 19.66 33.03
N THR D 29 8.12 19.00 33.58
CA THR D 29 9.50 19.48 33.51
C THR D 29 9.99 19.59 32.06
N LEU D 30 9.59 18.61 31.24
CA LEU D 30 9.98 18.56 29.83
C LEU D 30 9.28 19.66 29.03
N LYS D 31 7.99 19.85 29.29
CA LYS D 31 7.23 20.94 28.68
C LYS D 31 7.85 22.30 28.98
N LEU D 32 8.25 22.50 30.23
CA LEU D 32 8.86 23.75 30.66
C LEU D 32 10.20 23.96 29.99
N GLU D 33 11.01 22.90 29.95
CA GLU D 33 12.32 22.93 29.33
C GLU D 33 12.22 23.27 27.84
N THR D 34 11.21 22.72 27.19
CA THR D 34 11.00 22.92 25.76
C THR D 34 10.51 24.35 25.49
N ALA D 35 9.58 24.83 26.31
CA ALA D 35 9.07 26.20 26.17
C ALA D 35 10.18 27.23 26.35
N LYS D 36 11.05 26.99 27.32
CA LYS D 36 12.22 27.85 27.55
C LYS D 36 13.19 27.85 26.36
N ALA D 37 13.37 26.69 25.73
CA ALA D 37 14.23 26.59 24.54
C ALA D 37 13.63 27.36 23.35
N ILE D 38 12.31 27.31 23.24
CA ILE D 38 11.60 28.00 22.15
C ILE D 38 11.71 29.51 22.31
N LEU D 39 11.40 30.00 23.50
CA LEU D 39 11.50 31.42 23.78
C LEU D 39 12.93 31.90 23.61
N HIS D 40 13.89 31.13 24.14
CA HIS D 40 15.29 31.49 24.03
C HIS D 40 15.70 31.67 22.56
N GLY D 41 15.23 30.74 21.72
CA GLY D 41 15.44 30.82 20.26
C GLY D 41 14.93 32.13 19.70
N PHE D 42 13.70 32.48 20.05
CA PHE D 42 13.11 33.73 19.60
C PHE D 42 13.84 34.97 20.15
N GLN D 43 14.38 34.86 21.37
CA GLN D 43 15.08 36.00 22.01
C GLN D 43 16.49 36.24 21.50
N THR D 44 17.01 35.30 20.70
CA THR D 44 18.38 35.37 20.27
C THR D 44 18.47 35.38 18.75
N ALA D 45 18.19 34.25 18.10
CA ALA D 45 18.25 34.17 16.65
C ALA D 45 17.03 34.83 16.00
N GLY D 46 15.91 34.79 16.71
CA GLY D 46 14.62 35.19 16.18
C GLY D 46 14.01 34.11 15.30
N PHE D 47 14.67 32.96 15.26
CA PHE D 47 14.33 31.84 14.37
C PHE D 47 14.51 30.54 15.16
N ILE D 48 13.60 29.59 14.97
CA ILE D 48 13.78 28.21 15.44
C ILE D 48 13.33 27.22 14.35
N TYR D 49 13.79 25.98 14.46
CA TYR D 49 13.22 24.87 13.70
C TYR D 49 12.43 24.00 14.67
N LEU D 50 11.22 23.62 14.29
CA LEU D 50 10.44 22.67 15.07
C LEU D 50 10.33 21.34 14.32
N LYS D 51 10.44 20.24 15.06
CA LYS D 51 10.18 18.91 14.51
C LYS D 51 9.01 18.31 15.29
N ASN D 52 8.38 17.28 14.73
CA ASN D 52 7.25 16.59 15.35
C ASN D 52 6.14 17.55 15.77
N ILE D 53 5.69 18.35 14.81
CA ILE D 53 4.57 19.25 15.03
C ILE D 53 3.27 18.47 14.80
N PRO D 54 2.13 19.00 15.28
CA PRO D 54 0.88 18.24 15.11
C PRO D 54 0.27 18.27 13.70
N ILE D 55 1.01 18.79 12.72
CA ILE D 55 0.59 18.73 11.31
C ILE D 55 1.38 17.59 10.65
N GLN D 56 0.66 16.63 10.11
CA GLN D 56 1.26 15.38 9.64
C GLN D 56 2.00 15.51 8.32
N PRO D 57 3.22 14.91 8.23
CA PRO D 57 4.03 14.93 7.01
C PRO D 57 3.27 14.54 5.76
N ASP D 58 2.45 13.48 5.87
CA ASP D 58 1.63 13.01 4.76
C ASP D 58 0.73 14.13 4.25
N PHE D 59 0.05 14.80 5.17
CA PHE D 59 -0.85 15.89 4.79
C PHE D 59 -0.06 17.07 4.23
N ARG D 60 1.09 17.37 4.83
CA ARG D 60 1.98 18.43 4.34
CA ARG D 60 1.96 18.44 4.34
C ARG D 60 2.38 18.16 2.89
N GLU D 61 2.73 16.91 2.60
CA GLU D 61 3.10 16.49 1.24
C GLU D 61 1.95 16.73 0.26
N HIS D 62 0.74 16.37 0.69
CA HIS D 62 -0.50 16.61 -0.07
C HIS D 62 -0.73 18.09 -0.38
N VAL D 63 -0.42 18.95 0.60
CA VAL D 63 -0.60 20.40 0.44
C VAL D 63 0.36 21.00 -0.58
N PHE D 64 1.63 20.56 -0.55
CA PHE D 64 2.62 20.99 -1.56
C PHE D 64 2.22 20.53 -2.95
N ASN D 65 1.90 19.24 -3.07
CA ASN D 65 1.41 18.68 -4.33
C ASN D 65 0.25 19.51 -4.86
N THR D 66 -0.74 19.74 -4.01
CA THR D 66 -1.87 20.61 -4.32
C THR D 66 -1.42 22.00 -4.76
N SER D 67 -0.46 22.59 -4.04
CA SER D 67 0.03 23.91 -4.40
C SER D 67 0.67 23.93 -5.79
N ALA D 68 1.44 22.88 -6.09
CA ALA D 68 2.09 22.74 -7.40
C ALA D 68 1.08 22.72 -8.54
N LYS D 69 -0.05 22.06 -8.31
CA LYS D 69 -1.12 22.00 -9.31
C LYS D 69 -1.65 23.40 -9.67
N PHE D 70 -1.90 24.24 -8.67
CA PHE D 70 -2.43 25.59 -8.91
C PHE D 70 -1.47 26.44 -9.75
N PHE D 71 -0.19 26.35 -9.44
CA PHE D 71 0.83 27.08 -10.20
C PHE D 71 1.06 26.46 -11.58
N LYS D 72 0.61 25.21 -11.75
CA LYS D 72 0.60 24.55 -13.07
C LYS D 72 -0.71 24.79 -13.85
N LEU D 73 -1.38 25.90 -13.55
CA LEU D 73 -2.53 26.37 -14.33
C LEU D 73 -2.11 27.61 -15.12
N PRO D 74 -2.73 27.83 -16.30
CA PRO D 74 -2.30 28.91 -17.20
C PRO D 74 -2.31 30.29 -16.57
N LYS D 75 -1.35 31.13 -16.98
CA LYS D 75 -1.19 32.50 -16.49
C LYS D 75 -2.51 33.25 -16.35
N GLU D 76 -3.32 33.20 -17.40
CA GLU D 76 -4.61 33.90 -17.43
C GLU D 76 -5.54 33.52 -16.27
N LYS D 77 -5.68 32.22 -16.03
CA LYS D 77 -6.49 31.73 -14.90
C LYS D 77 -6.01 32.28 -13.55
N LYS D 78 -4.69 32.42 -13.39
CA LYS D 78 -4.11 32.94 -12.16
C LYS D 78 -4.35 34.44 -12.00
N LEU D 79 -4.18 35.20 -13.09
CA LEU D 79 -4.49 36.62 -13.09
C LEU D 79 -5.97 36.88 -12.82
N GLU D 80 -6.81 35.90 -13.15
CA GLU D 80 -8.24 35.95 -12.87
C GLU D 80 -8.50 36.10 -11.37
N VAL D 81 -7.77 35.32 -10.57
CA VAL D 81 -7.87 35.35 -9.10
C VAL D 81 -6.82 36.30 -8.49
N GLY D 82 -6.66 37.47 -9.11
CA GLY D 82 -5.66 38.43 -8.69
C GLY D 82 -6.06 39.25 -7.48
N TRP D 83 -5.16 40.13 -7.06
CA TRP D 83 -5.37 40.99 -5.90
C TRP D 83 -6.50 42.00 -6.13
N PRO D 86 -5.56 45.03 -2.79
CA PRO D 86 -4.54 45.72 -2.01
C PRO D 86 -4.73 45.52 -0.51
N GLU D 87 -5.80 46.10 0.04
CA GLU D 87 -6.18 45.83 1.44
C GLU D 87 -6.82 44.44 1.58
N ALA D 88 -7.12 43.82 0.45
CA ALA D 88 -7.61 42.43 0.40
C ALA D 88 -6.55 41.47 0.92
N ASN D 89 -5.34 41.58 0.37
CA ASN D 89 -4.22 40.70 0.73
C ASN D 89 -4.56 39.23 0.50
N ARG D 90 -5.29 38.97 -0.59
CA ARG D 90 -5.75 37.64 -0.94
C ARG D 90 -5.72 37.50 -2.46
N GLY D 91 -5.33 36.32 -2.95
CA GLY D 91 -5.27 36.06 -4.38
C GLY D 91 -3.87 36.10 -4.96
N TYR D 92 -3.80 35.99 -6.28
CA TYR D 92 -2.53 35.80 -6.99
C TYR D 92 -1.67 37.06 -7.06
N SER D 93 -0.35 36.85 -7.10
CA SER D 93 0.63 37.92 -7.22
C SER D 93 1.85 37.46 -8.03
N ALA D 94 2.64 38.43 -8.50
CA ALA D 94 3.90 38.16 -9.20
C ALA D 94 4.76 39.43 -9.21
N ASP D 118 12.68 39.89 -7.32
CA ASP D 118 12.28 38.60 -6.77
C ASP D 118 11.70 37.71 -7.87
N ILE D 119 12.39 36.62 -8.17
CA ILE D 119 11.95 35.67 -9.20
C ILE D 119 11.00 34.67 -8.55
N LYS D 120 9.79 35.11 -8.28
CA LYS D 120 8.79 34.29 -7.60
C LYS D 120 7.38 34.68 -7.99
N GLU D 121 6.44 33.83 -7.59
CA GLU D 121 5.03 34.13 -7.66
C GLU D 121 4.36 33.55 -6.43
N SER D 122 3.30 34.21 -5.95
CA SER D 122 2.63 33.78 -4.72
C SER D 122 1.12 33.71 -4.88
N TYR D 123 0.49 33.02 -3.94
CA TYR D 123 -0.98 32.98 -3.82
C TYR D 123 -1.36 32.94 -2.34
N GLU D 124 -2.08 33.97 -1.89
CA GLU D 124 -2.42 34.13 -0.46
C GLU D 124 -3.88 33.84 -0.14
N ILE D 125 -4.07 33.09 0.93
CA ILE D 125 -5.38 32.69 1.42
C ILE D 125 -5.52 33.15 2.87
N GLY D 126 -6.58 33.92 3.15
CA GLY D 126 -6.92 34.34 4.51
C GLY D 126 -8.03 33.48 5.10
N ARG D 127 -8.55 33.89 6.25
CA ARG D 127 -9.65 33.16 6.88
C ARG D 127 -10.93 33.28 6.04
N GLU D 128 -11.84 32.34 6.20
CA GLU D 128 -13.04 32.28 5.37
C GLU D 128 -14.23 33.06 5.95
N ASP D 129 -14.07 33.59 7.16
CA ASP D 129 -15.19 34.21 7.88
C ASP D 129 -14.99 35.70 8.16
N GLU D 130 -14.27 36.37 7.26
CA GLU D 130 -14.03 37.81 7.40
C GLU D 130 -14.96 38.60 6.49
N PRO D 131 -15.98 39.26 7.08
CA PRO D 131 -16.97 39.97 6.24
C PRO D 131 -16.33 41.01 5.34
N GLY D 132 -16.73 41.02 4.07
CA GLY D 132 -16.18 41.93 3.08
C GLY D 132 -14.93 41.44 2.38
N HIS D 133 -14.25 40.44 2.94
CA HIS D 133 -12.97 39.97 2.40
C HIS D 133 -12.95 38.47 2.09
N PRO D 134 -13.63 38.10 0.99
CA PRO D 134 -13.63 36.70 0.58
C PRO D 134 -12.32 36.30 -0.11
N ASN D 135 -11.99 35.02 -0.04
CA ASN D 135 -10.89 34.46 -0.80
C ASN D 135 -11.35 34.21 -2.24
N PRO D 136 -10.60 34.75 -3.22
CA PRO D 136 -10.93 34.49 -4.62
C PRO D 136 -10.40 33.13 -5.06
N TRP D 137 -11.19 32.09 -4.84
CA TRP D 137 -10.79 30.72 -5.16
C TRP D 137 -10.84 30.46 -6.66
N PRO D 138 -9.89 29.62 -7.16
CA PRO D 138 -9.98 29.18 -8.55
C PRO D 138 -11.06 28.12 -8.73
N ALA D 139 -11.49 27.92 -9.98
CA ALA D 139 -12.58 26.98 -10.28
C ALA D 139 -12.11 25.53 -10.18
N GLU D 140 -13.03 24.65 -9.79
CA GLU D 140 -12.73 23.23 -9.59
C GLU D 140 -13.32 22.37 -10.69
N LEU D 144 -6.65 21.36 -9.97
CA LEU D 144 -7.19 22.36 -9.04
C LEU D 144 -8.62 22.03 -8.62
N VAL D 145 -8.84 20.77 -8.22
CA VAL D 145 -10.13 20.30 -7.72
C VAL D 145 -9.92 19.60 -6.39
N GLY D 146 -10.38 20.23 -5.31
CA GLY D 146 -10.03 19.84 -3.94
C GLY D 146 -9.04 20.81 -3.33
N PHE D 147 -8.85 21.94 -4.01
CA PHE D 147 -7.94 22.99 -3.61
C PHE D 147 -8.45 23.75 -2.38
N LYS D 148 -9.73 24.10 -2.40
CA LYS D 148 -10.35 24.86 -1.31
C LYS D 148 -10.27 24.08 0.00
N SER D 149 -10.83 22.88 -0.02
CA SER D 149 -10.95 22.06 1.19
C SER D 149 -9.59 21.80 1.84
N THR D 150 -8.62 21.37 1.04
CA THR D 150 -7.25 21.10 1.51
C THR D 150 -6.60 22.36 2.12
N MET D 151 -6.72 23.48 1.43
CA MET D 151 -6.09 24.72 1.87
C MET D 151 -6.73 25.29 3.13
N ASN D 152 -8.07 25.21 3.23
CA ASN D 152 -8.77 25.64 4.43
C ASN D 152 -8.39 24.81 5.66
N ASN D 153 -8.25 23.50 5.49
CA ASN D 153 -7.83 22.63 6.61
C ASN D 153 -6.37 22.87 7.03
N PHE D 154 -5.51 23.11 6.06
CA PHE D 154 -4.12 23.48 6.35
C PHE D 154 -4.07 24.85 7.05
N PHE D 155 -4.82 25.82 6.52
CA PHE D 155 -4.98 27.13 7.18
C PHE D 155 -5.37 26.95 8.64
N ASP D 156 -6.35 26.10 8.89
CA ASP D 156 -6.84 25.82 10.24
C ASP D 156 -5.83 25.10 11.12
N GLN D 157 -5.08 24.17 10.55
CA GLN D 157 -4.07 23.48 11.34
C GLN D 157 -2.91 24.42 11.70
N CYS D 158 -2.56 25.29 10.76
CA CYS D 158 -1.52 26.31 10.99
C CYS D 158 -1.97 27.31 12.06
N LYS D 159 -3.23 27.72 11.98
CA LYS D 159 -3.88 28.56 13.01
C LYS D 159 -3.77 27.96 14.41
N ALA D 160 -3.98 26.65 14.52
CA ALA D 160 -3.86 25.94 15.80
C ALA D 160 -2.41 25.96 16.30
N LEU D 161 -1.47 25.70 15.40
CA LEU D 161 -0.04 25.72 15.74
C LEU D 161 0.42 27.10 16.23
N HIS D 162 -0.02 28.15 15.54
CA HIS D 162 0.24 29.52 15.97
C HIS D 162 -0.12 29.70 17.45
N ILE D 163 -1.33 29.30 17.80
CA ILE D 163 -1.82 29.39 19.17
C ILE D 163 -0.91 28.66 20.15
N GLU D 164 -0.47 27.45 19.76
CA GLU D 164 0.37 26.62 20.63
C GLU D 164 1.79 27.16 20.78
N VAL D 165 2.33 27.76 19.71
CA VAL D 165 3.66 28.38 19.77
C VAL D 165 3.62 29.57 20.71
N MET D 166 2.57 30.37 20.63
CA MET D 166 2.42 31.52 21.52
C MET D 166 2.25 31.08 22.96
N ARG D 167 1.58 29.95 23.16
CA ARG D 167 1.45 29.35 24.48
C ARG D 167 2.84 28.96 25.00
N ALA D 168 3.64 28.35 24.14
CA ALA D 168 5.02 28.02 24.49
C ALA D 168 5.80 29.27 24.88
N ILE D 169 5.62 30.35 24.13
CA ILE D 169 6.26 31.62 24.45
C ILE D 169 5.82 32.11 25.82
N ALA D 170 4.50 32.08 26.06
CA ALA D 170 3.95 32.52 27.34
C ALA D 170 4.53 31.71 28.48
N VAL D 171 4.51 30.39 28.33
CA VAL D 171 5.06 29.48 29.33
C VAL D 171 6.54 29.80 29.56
N GLY D 172 7.29 29.93 28.47
CA GLY D 172 8.71 30.31 28.55
C GLY D 172 8.97 31.61 29.30
N MET D 173 8.12 32.61 29.11
CA MET D 173 8.25 33.91 29.79
C MET D 173 7.88 33.84 31.27
N GLY D 174 7.06 32.86 31.64
CA GLY D 174 6.56 32.75 33.01
C GLY D 174 5.31 33.56 33.26
N ILE D 175 4.51 33.74 32.21
CA ILE D 175 3.21 34.40 32.34
C ILE D 175 2.13 33.36 32.09
N ASP D 176 0.88 33.73 32.30
CA ASP D 176 -0.24 32.81 32.11
C ASP D 176 -0.14 32.14 30.74
N ALA D 177 -0.20 30.81 30.72
CA ALA D 177 -0.05 30.02 29.49
C ALA D 177 -0.96 30.50 28.35
N ASN D 178 -2.14 31.00 28.69
CA ASN D 178 -3.13 31.45 27.70
C ASN D 178 -3.16 32.96 27.47
N TYR D 179 -2.13 33.67 27.93
CA TYR D 179 -2.10 35.11 27.81
C TYR D 179 -2.44 35.60 26.39
N PHE D 180 -1.89 34.94 25.38
CA PHE D 180 -2.06 35.40 23.99
C PHE D 180 -3.36 34.98 23.32
N ASP D 181 -4.05 33.98 23.87
CA ASP D 181 -5.29 33.47 23.27
C ASP D 181 -6.23 34.59 22.77
N SER D 182 -6.50 35.57 23.62
CA SER D 182 -7.47 36.63 23.28
C SER D 182 -6.93 37.62 22.22
N PHE D 183 -5.61 37.68 22.06
CA PHE D 183 -4.99 38.55 21.07
C PHE D 183 -4.93 37.93 19.67
N VAL D 184 -5.06 36.61 19.58
CA VAL D 184 -4.89 35.91 18.29
C VAL D 184 -6.07 35.00 17.90
N ASP D 185 -7.15 35.01 18.68
CA ASP D 185 -8.23 34.02 18.49
C ASP D 185 -9.07 34.19 17.21
N VAL D 186 -9.04 35.37 16.59
CA VAL D 186 -9.77 35.58 15.34
C VAL D 186 -9.10 34.90 14.16
N GLY D 187 -7.77 34.84 14.18
CA GLY D 187 -7.01 34.15 13.14
C GLY D 187 -6.80 34.99 11.89
N ASP D 188 -6.38 36.24 12.08
CA ASP D 188 -6.13 37.18 10.98
C ASP D 188 -4.77 36.90 10.35
N ASN D 189 -4.66 35.70 9.81
CA ASN D 189 -3.42 35.17 9.27
C ASN D 189 -3.52 35.03 7.78
N ILE D 190 -2.38 34.95 7.13
CA ILE D 190 -2.31 34.78 5.68
C ILE D 190 -1.47 33.55 5.34
N LEU D 191 -2.09 32.58 4.68
CA LEU D 191 -1.40 31.41 4.13
C LEU D 191 -0.90 31.77 2.75
N ARG D 192 0.42 31.82 2.58
CA ARG D 192 1.05 32.22 1.32
C ARG D 192 1.71 31.03 0.66
N LEU D 193 1.13 30.58 -0.44
CA LEU D 193 1.73 29.55 -1.27
C LEU D 193 2.75 30.22 -2.16
N LEU D 194 3.96 29.66 -2.23
CA LEU D 194 5.06 30.24 -3.00
C LEU D 194 5.58 29.28 -4.05
N HIS D 195 5.92 29.84 -5.20
CA HIS D 195 6.55 29.10 -6.27
C HIS D 195 7.65 29.96 -6.87
N TYR D 196 8.89 29.56 -6.64
CA TYR D 196 10.03 30.15 -7.32
C TYR D 196 10.30 29.27 -8.54
N PRO D 197 10.06 29.80 -9.76
CA PRO D 197 10.26 28.95 -10.94
C PRO D 197 11.70 28.51 -11.16
N ALA D 198 11.88 27.57 -12.09
CA ALA D 198 13.20 27.10 -12.48
C ALA D 198 13.98 28.27 -13.08
N VAL D 199 15.25 28.38 -12.69
CA VAL D 199 16.09 29.49 -13.14
C VAL D 199 17.49 28.99 -13.47
N LYS D 200 18.02 29.47 -14.59
CA LYS D 200 19.34 29.05 -15.06
C LYS D 200 20.44 29.67 -14.20
N SER D 201 21.59 28.99 -14.15
CA SER D 201 22.70 29.42 -13.30
C SER D 201 23.31 30.76 -13.74
N GLU D 202 23.38 30.98 -15.06
CA GLU D 202 23.95 32.21 -15.64
C GLU D 202 23.28 33.49 -15.15
N VAL D 203 22.01 33.39 -14.75
CA VAL D 203 21.28 34.52 -14.19
C VAL D 203 22.09 35.13 -13.03
N PHE D 204 22.61 34.28 -12.15
CA PHE D 204 23.35 34.73 -10.97
C PHE D 204 24.85 34.99 -11.23
N LYS D 205 25.34 34.59 -12.40
CA LYS D 205 26.68 34.98 -12.85
C LYS D 205 26.64 36.34 -13.55
N ILE D 206 25.60 36.57 -14.34
CA ILE D 206 25.38 37.85 -15.02
C ILE D 206 25.16 38.96 -14.01
N ASN D 207 24.25 38.71 -13.06
CA ASN D 207 23.96 39.65 -11.98
C ASN D 207 24.12 38.92 -10.65
N PRO D 208 25.34 38.96 -10.06
CA PRO D 208 25.59 38.26 -8.79
C PRO D 208 24.85 38.84 -7.58
N GLY D 209 24.26 40.02 -7.73
CA GLY D 209 23.37 40.58 -6.70
C GLY D 209 21.96 40.00 -6.75
N GLN D 210 21.63 39.29 -7.82
CA GLN D 210 20.29 38.69 -7.99
C GLN D 210 20.00 37.62 -6.94
N VAL D 211 18.81 37.71 -6.32
CA VAL D 211 18.37 36.70 -5.35
C VAL D 211 16.93 36.26 -5.67
N ARG D 212 16.50 35.18 -5.03
CA ARG D 212 15.13 34.65 -5.24
C ARG D 212 14.08 35.39 -4.39
N ALA D 213 14.46 35.77 -3.17
CA ALA D 213 13.61 36.61 -2.31
C ALA D 213 14.48 37.63 -1.60
N GLY D 214 14.18 38.90 -1.84
CA GLY D 214 14.95 40.02 -1.31
C GLY D 214 14.99 40.07 0.21
N GLU D 215 16.07 40.60 0.75
CA GLU D 215 16.24 40.64 2.20
C GLU D 215 15.16 41.51 2.85
N HIS D 216 14.62 41.02 3.96
CA HIS D 216 13.56 41.70 4.66
C HIS D 216 13.42 41.14 6.05
N THR D 217 12.59 41.80 6.83
CA THR D 217 12.04 41.20 8.02
C THR D 217 10.56 41.05 7.78
N ASP D 218 9.94 40.10 8.45
CA ASP D 218 8.50 39.94 8.37
C ASP D 218 7.81 40.98 9.25
N TYR D 219 6.59 41.36 8.88
CA TYR D 219 5.85 42.43 9.56
C TYR D 219 5.09 41.99 10.80
N GLY D 220 4.64 40.73 10.78
CA GLY D 220 3.64 40.22 11.73
C GLY D 220 4.22 39.75 13.05
N SER D 221 3.52 38.80 13.68
CA SER D 221 3.96 38.25 14.96
C SER D 221 4.89 37.05 14.76
N ILE D 222 4.36 35.94 14.26
CA ILE D 222 5.24 34.83 13.84
C ILE D 222 4.90 34.32 12.44
N THR D 223 5.92 33.75 11.81
CA THR D 223 5.78 33.13 10.50
C THR D 223 6.13 31.66 10.62
N LEU D 224 5.29 30.80 10.07
CA LEU D 224 5.59 29.37 9.93
C LEU D 224 6.03 29.13 8.51
N LEU D 225 7.26 28.66 8.33
CA LEU D 225 7.81 28.45 7.01
C LEU D 225 8.04 26.97 6.73
N PHE D 226 7.33 26.46 5.73
CA PHE D 226 7.52 25.10 5.26
C PHE D 226 8.30 25.20 3.95
N GLN D 227 9.53 24.70 3.93
CA GLN D 227 10.33 24.74 2.72
C GLN D 227 10.56 23.32 2.21
N ASP D 228 10.77 23.20 0.91
CA ASP D 228 11.14 21.91 0.31
C ASP D 228 12.65 21.71 0.49
N SER D 229 13.21 20.74 -0.23
CA SER D 229 14.59 20.33 -0.02
C SER D 229 15.62 21.17 -0.77
N ARG D 230 15.17 22.13 -1.56
CA ARG D 230 16.04 22.82 -2.51
C ARG D 230 17.08 23.68 -1.83
N GLY D 231 16.67 24.34 -0.75
CA GLY D 231 17.56 25.22 -0.01
C GLY D 231 17.54 26.63 -0.55
N GLY D 232 18.35 27.51 0.05
CA GLY D 232 18.44 28.90 -0.39
C GLY D 232 18.07 29.93 0.67
N LEU D 233 17.29 29.52 1.66
CA LEU D 233 16.96 30.40 2.78
C LEU D 233 18.22 30.70 3.59
N GLN D 234 18.40 31.97 3.89
CA GLN D 234 19.53 32.45 4.67
C GLN D 234 19.02 33.44 5.71
N VAL D 235 19.67 33.41 6.88
CA VAL D 235 19.31 34.26 8.01
C VAL D 235 20.54 35.07 8.41
N LYS D 236 20.33 36.36 8.67
CA LYS D 236 21.44 37.24 8.98
C LYS D 236 21.90 37.02 10.42
N SER D 237 23.18 36.79 10.59
CA SER D 237 23.77 36.59 11.90
C SER D 237 23.80 37.92 12.68
N PRO D 238 23.96 37.85 14.02
CA PRO D 238 24.14 39.08 14.80
C PRO D 238 25.43 39.83 14.49
N ASN D 239 26.32 39.21 13.71
CA ASN D 239 27.54 39.88 13.29
C ASN D 239 27.51 40.30 11.83
N GLY D 240 26.32 40.27 11.24
CA GLY D 240 26.06 40.92 9.96
C GLY D 240 26.29 40.09 8.72
N GLN D 241 26.38 38.76 8.86
CA GLN D 241 26.61 37.86 7.74
C GLN D 241 25.42 36.94 7.51
N PHE D 242 25.05 36.75 6.24
CA PHE D 242 23.99 35.81 5.89
C PHE D 242 24.48 34.37 6.03
N ILE D 243 23.71 33.60 6.78
CA ILE D 243 24.04 32.22 7.12
C ILE D 243 22.98 31.30 6.54
N ASP D 244 23.42 30.22 5.89
CA ASP D 244 22.50 29.25 5.31
C ASP D 244 21.59 28.61 6.36
N ALA D 245 20.29 28.60 6.07
CA ALA D 245 19.33 27.86 6.88
C ALA D 245 18.90 26.63 6.08
N THR D 246 19.69 25.57 6.21
CA THR D 246 19.55 24.40 5.37
C THR D 246 18.27 23.63 5.69
N PRO D 247 17.56 23.15 4.65
CA PRO D 247 16.35 22.38 4.93
C PRO D 247 16.64 21.13 5.76
N ILE D 248 15.76 20.85 6.70
CA ILE D 248 15.82 19.61 7.44
C ILE D 248 14.48 18.95 7.26
N GLU D 249 14.50 17.66 6.93
CA GLU D 249 13.28 16.96 6.57
C GLU D 249 12.28 16.99 7.71
N ASN D 250 11.03 17.27 7.36
CA ASN D 250 9.92 17.33 8.31
C ASN D 250 10.07 18.34 9.46
N THR D 251 10.75 19.45 9.21
CA THR D 251 10.77 20.56 10.17
C THR D 251 9.93 21.72 9.64
N VAL D 252 9.54 22.61 10.55
CA VAL D 252 9.00 23.90 10.15
C VAL D 252 9.94 24.94 10.75
N VAL D 253 10.23 25.97 9.97
CA VAL D 253 11.06 27.08 10.43
C VAL D 253 10.09 28.13 10.94
N VAL D 254 10.30 28.58 12.17
CA VAL D 254 9.41 29.59 12.75
C VAL D 254 10.24 30.83 13.06
N ASN D 255 9.77 31.99 12.64
CA ASN D 255 10.47 33.22 12.99
C ASN D 255 9.53 34.30 13.47
N ALA D 256 10.05 35.19 14.31
CA ALA D 256 9.32 36.34 14.81
C ALA D 256 9.34 37.47 13.79
N GLY D 257 8.28 38.26 13.75
CA GLY D 257 8.18 39.41 12.86
C GLY D 257 8.27 40.70 13.65
N ASP D 258 8.21 41.82 12.94
CA ASP D 258 8.40 43.15 13.53
C ASP D 258 7.39 43.49 14.61
N LEU D 259 6.14 43.06 14.43
CA LEU D 259 5.10 43.37 15.41
C LEU D 259 5.34 42.66 16.74
N LEU D 260 5.77 41.40 16.69
CA LEU D 260 6.15 40.67 17.89
C LEU D 260 7.40 41.25 18.54
N ALA D 261 8.39 41.63 17.74
CA ALA D 261 9.57 42.35 18.28
C ALA D 261 9.12 43.49 19.18
N ARG D 262 8.30 44.35 18.60
CA ARG D 262 7.76 45.52 19.28
C ARG D 262 6.90 45.11 20.49
N TRP D 263 5.95 44.20 20.24
CA TRP D 263 5.07 43.69 21.29
C TRP D 263 5.86 43.24 22.51
N SER D 264 6.97 42.56 22.25
CA SER D 264 7.83 42.01 23.32
C SER D 264 8.78 43.03 23.94
N ASN D 265 8.69 44.29 23.53
CA ASN D 265 9.59 45.36 23.98
C ASN D 265 11.05 45.01 23.62
N ASP D 266 11.20 44.42 22.44
CA ASP D 266 12.50 44.04 21.86
C ASP D 266 13.23 42.90 22.56
N THR D 267 12.54 42.10 23.37
CA THR D 267 13.17 40.93 23.98
C THR D 267 13.19 39.77 22.99
N ILE D 268 12.28 39.80 22.02
CA ILE D 268 12.24 38.85 20.92
C ILE D 268 12.71 39.59 19.68
N LYS D 269 13.51 38.89 18.87
CA LYS D 269 14.14 39.46 17.67
C LYS D 269 13.35 39.17 16.40
N SER D 270 13.21 40.19 15.56
CA SER D 270 12.75 40.02 14.18
C SER D 270 13.96 40.13 13.28
N THR D 271 14.34 39.01 12.69
CA THR D 271 15.64 38.88 12.07
C THR D 271 15.54 38.96 10.56
N VAL D 272 16.47 39.68 9.97
CA VAL D 272 16.58 39.82 8.51
C VAL D 272 16.90 38.48 7.83
N HIS D 273 16.21 38.19 6.75
CA HIS D 273 16.43 36.98 5.97
C HIS D 273 16.09 37.18 4.51
N ARG D 274 16.53 36.21 3.70
CA ARG D 274 16.39 36.25 2.26
C ARG D 274 16.45 34.84 1.73
N VAL D 275 16.12 34.69 0.45
CA VAL D 275 16.29 33.42 -0.24
C VAL D 275 17.19 33.66 -1.44
N VAL D 276 18.27 32.89 -1.53
CA VAL D 276 19.22 33.03 -2.63
C VAL D 276 19.18 31.82 -3.57
N GLU D 277 20.02 31.88 -4.61
CA GLU D 277 20.27 30.75 -5.48
C GLU D 277 20.65 29.55 -4.62
N PRO D 278 20.04 28.37 -4.87
CA PRO D 278 20.48 27.20 -4.11
C PRO D 278 21.95 26.86 -4.38
N PRO D 279 22.61 26.19 -3.42
CA PRO D 279 24.05 25.95 -3.54
C PRO D 279 24.44 24.79 -4.47
N LYS D 280 23.47 24.05 -4.98
CA LYS D 280 23.75 22.91 -5.87
C LYS D 280 24.35 23.36 -7.21
N GLN D 281 25.39 22.65 -7.66
CA GLN D 281 25.99 22.88 -8.96
C GLN D 281 25.14 22.20 -10.04
N GLU D 282 24.57 23.02 -10.93
CA GLU D 282 23.69 22.51 -11.98
C GLU D 282 23.46 23.59 -13.04
N ASP D 283 23.14 23.16 -14.25
CA ASP D 283 22.81 24.10 -15.33
C ASP D 283 21.54 24.90 -15.03
N VAL D 284 20.54 24.19 -14.50
CA VAL D 284 19.23 24.77 -14.20
C VAL D 284 18.81 24.36 -12.79
N HIS D 285 18.44 25.35 -11.97
CA HIS D 285 17.88 25.08 -10.65
C HIS D 285 16.40 24.76 -10.81
N PRO D 286 15.97 23.56 -10.37
CA PRO D 286 14.53 23.24 -10.46
C PRO D 286 13.68 24.18 -9.61
N PRO D 287 12.35 24.06 -9.73
CA PRO D 287 11.49 24.98 -8.97
C PRO D 287 11.65 24.85 -7.46
N ARG D 288 11.46 25.94 -6.73
CA ARG D 288 11.43 25.90 -5.28
C ARG D 288 10.00 26.19 -4.79
N TYR D 289 9.46 25.24 -4.02
CA TYR D 289 8.16 25.42 -3.38
C TYR D 289 8.38 25.65 -1.90
N SER D 290 7.72 26.68 -1.37
CA SER D 290 7.65 26.88 0.06
C SER D 290 6.24 27.35 0.43
N ILE D 291 5.89 27.22 1.69
CA ILE D 291 4.63 27.73 2.19
C ILE D 291 4.91 28.53 3.45
N ALA D 292 4.54 29.81 3.42
CA ALA D 292 4.67 30.70 4.56
C ALA D 292 3.28 31.02 5.12
N TYR D 293 3.10 30.74 6.40
CA TYR D 293 1.87 31.08 7.09
C TYR D 293 2.18 32.26 8.00
N PHE D 294 1.70 33.44 7.65
CA PHE D 294 1.97 34.66 8.40
C PHE D 294 0.90 34.84 9.46
N CYS D 295 1.32 34.76 10.72
CA CYS D 295 0.43 34.91 11.85
C CYS D 295 0.49 36.33 12.38
N ASN D 296 -0.69 36.87 12.71
CA ASN D 296 -0.80 38.22 13.27
C ASN D 296 -1.77 38.20 14.43
N PRO D 297 -1.65 39.18 15.34
CA PRO D 297 -2.74 39.36 16.29
C PRO D 297 -3.99 39.85 15.57
N ASN D 298 -5.12 39.82 16.27
CA ASN D 298 -6.39 40.28 15.70
C ASN D 298 -6.25 41.72 15.24
N HIS D 299 -6.92 42.09 14.15
CA HIS D 299 -6.83 43.46 13.63
C HIS D 299 -7.08 44.52 14.71
N LYS D 300 -7.96 44.19 15.66
CA LYS D 300 -8.49 45.12 16.64
C LYS D 300 -7.73 45.06 17.97
N SER D 301 -6.69 44.24 18.02
CA SER D 301 -5.86 44.13 19.22
C SER D 301 -4.98 45.37 19.36
N TYR D 302 -4.88 45.85 20.59
CA TYR D 302 -3.98 46.95 20.92
C TYR D 302 -2.67 46.36 21.42
N ILE D 303 -1.59 46.65 20.72
CA ILE D 303 -0.29 46.06 21.01
C ILE D 303 0.55 47.01 21.87
N GLU D 304 0.83 46.60 23.11
CA GLU D 304 1.78 47.29 23.97
C GLU D 304 2.53 46.25 24.79
N ALA D 305 3.58 46.68 25.47
CA ALA D 305 4.56 45.76 26.05
C ALA D 305 3.94 44.60 26.82
N ILE D 306 4.36 43.38 26.50
CA ILE D 306 3.89 42.18 27.18
C ILE D 306 4.38 42.21 28.63
N PRO D 307 3.51 41.84 29.59
CA PRO D 307 3.94 41.79 30.98
C PRO D 307 5.19 40.94 31.18
N GLY D 308 6.17 41.49 31.90
CA GLY D 308 7.43 40.79 32.14
C GLY D 308 8.55 41.15 31.18
N THR D 309 8.24 41.93 30.14
CA THR D 309 9.25 42.39 29.18
C THR D 309 9.84 43.74 29.57
N TYR D 310 9.45 44.24 30.74
CA TYR D 310 9.95 45.50 31.27
C TYR D 310 9.65 45.53 32.76
N ALA D 311 10.55 46.13 33.53
CA ALA D 311 10.39 46.23 34.99
C ALA D 311 9.68 47.53 35.33
N ALA D 312 10.33 48.65 35.02
CA ALA D 312 9.76 49.97 35.20
C ALA D 312 9.04 50.41 33.93
N GLU D 313 8.08 51.33 34.08
CA GLU D 313 7.36 51.90 32.94
C GLU D 313 8.31 52.62 31.96
N SER D 314 9.41 53.14 32.48
CA SER D 314 10.42 53.81 31.65
C SER D 314 11.20 52.86 30.73
N GLU D 315 11.12 51.56 30.98
CA GLU D 315 11.77 50.56 30.13
C GLU D 315 10.94 50.22 28.89
N ARG D 316 9.67 50.62 28.87
CA ARG D 316 8.86 50.52 27.65
C ARG D 316 9.48 51.35 26.55
N LYS D 317 9.80 50.71 25.43
CA LYS D 317 10.45 51.41 24.30
C LYS D 317 9.44 52.05 23.35
N TYR D 318 8.22 51.52 23.30
CA TYR D 318 7.27 51.93 22.27
C TYR D 318 5.88 52.26 22.83
N GLU D 319 5.23 53.22 22.19
CA GLU D 319 3.79 53.48 22.38
C GLU D 319 2.97 52.34 21.81
N GLY D 320 1.80 52.11 22.41
CA GLY D 320 0.90 51.09 21.93
C GLY D 320 0.42 51.42 20.53
N ILE D 321 0.11 50.39 19.75
CA ILE D 321 -0.42 50.55 18.41
C ILE D 321 -1.54 49.55 18.16
N ASN D 322 -2.46 49.92 17.28
CA ASN D 322 -3.44 48.98 16.79
C ASN D 322 -2.76 48.04 15.81
N SER D 323 -2.99 46.73 15.98
CA SER D 323 -2.40 45.71 15.12
C SER D 323 -2.78 45.85 13.63
N GLY D 324 -4.08 45.92 13.37
CA GLY D 324 -4.59 46.04 11.99
C GLY D 324 -4.04 47.24 11.23
N LYS D 325 -4.15 48.41 11.83
CA LYS D 325 -3.65 49.66 11.26
C LYS D 325 -2.14 49.61 10.98
N TYR D 326 -1.37 49.16 11.96
CA TYR D 326 0.07 48.97 11.81
C TYR D 326 0.40 48.17 10.55
N LEU D 327 -0.24 47.01 10.41
CA LEU D 327 0.06 46.09 9.31
C LEU D 327 -0.34 46.64 7.93
N VAL D 328 -1.50 47.29 7.83
CA VAL D 328 -1.92 47.88 6.56
C VAL D 328 -1.02 49.05 6.13
N GLN D 329 -0.54 49.83 7.10
CA GLN D 329 0.50 50.83 6.84
C GLN D 329 1.77 50.21 6.28
N ARG D 330 2.28 49.17 6.94
CA ARG D 330 3.46 48.45 6.46
C ARG D 330 3.24 47.90 5.05
N LEU D 331 2.09 47.27 4.83
CA LEU D 331 1.72 46.75 3.50
C LEU D 331 1.56 47.86 2.47
N ALA D 332 0.79 48.89 2.81
CA ALA D 332 0.52 50.01 1.90
C ALA D 332 1.59 51.09 2.04
N ALA D 333 2.81 50.76 1.62
CA ALA D 333 3.93 51.68 1.68
C ALA D 333 5.07 51.23 0.77
#